data_7UYF
#
_entry.id   7UYF
#
_cell.length_a   100.475
_cell.length_b   137.782
_cell.length_c   178.066
_cell.angle_alpha   90.000
_cell.angle_beta   90.000
_cell.angle_gamma   90.000
#
_symmetry.space_group_name_H-M   'I 2 2 2'
#
loop_
_entity.id
_entity.type
_entity.pdbx_description
1 polymer 'Protein arginine N-methyltransferase 5'
2 polymer 'Methylosome protein 50'
3 non-polymer 4-methyl-1,5-naphthyridin-2-amine
4 non-polymer "5'-DEOXY-5'-METHYLTHIOADENOSINE"
5 non-polymer DI(HYDROXYETHYL)ETHER
6 non-polymer 'CHLORIDE ION'
7 water water
#
loop_
_entity_poly.entity_id
_entity_poly.type
_entity_poly.pdbx_seq_one_letter_code
_entity_poly.pdbx_strand_id
1 'polypeptide(L)'
;MDYKDDDDKAAMAVGGAGGSRVSSGRDLNCVPEIADTLGAVAKQGFDFLCMPVFHPRFKREFIQEPAKNRPGPQTRSDLL
LSGRDWNTLIVGKLSPWIRPDSKVEKIRRNSEAAMLQELNFGAYLGLPAFLLPLNQEDNTNLARVLTNHIHTGHHSSMFW
MRVPLVAPEDLRDDIIENAPTTHTEEYSGEEKTWMWWHNFRTLCDYSKRIAVALEIGADLPSNHVIDRWLGEPIKAAILP
TSIFLTNKKGFPVLSKMHQRLIFRLLKLEVQFIITGTNHHSEKEFCSYLQYLEYLSQNRPPPNAYELFAKGYEDYLQSPL
QPLMDNLESQTYEVFEKDPIKYSQYQQAIYKCLLDRVPEEEKDTNVQVLMVLGAGRGPLVNASLRAAKQADRRIKLYAVE
KNPNAVVTLENWQFEEWGSQVTVVSSDMREWVAPEKADIIVSELLGSFADNELSPECLDGAQHFLKDDGVSIPGEYTSFL
APISSSKLYNEVRACREKDRDPEAQFEMPYVVRLHNFHQLSAPQPCFTFSHPNRDPMIDNNRYCTLEFPVEVNTVLHGFA
GYFETVLYQDITLSIRPETHSPGMFSWFPILFPIKQPITVREGQTICVRFWRCSNSKKVWYEWAVTAPVCSAIHNPTGRS
YTIGL
;
A
2 'polypeptide(L)'
;MHHHHHHHHRKETPPPLVPPAAREWNLPPNAPACMERQLEAARYRSDGALLLGASSLSGRCWAGSLWLFKDPCAAPNEGF
CSAGVQTEAGVADLTWVGERGILVASDSGAVELWELDENETLIVSKFCKYEHDDIVSTVSVLSSGTQAVSGSKDICIKVW
DLAQQVVLSSYRAHAAQVTCVAASPHKDSVFLSCSEDNRILLWDTRCPKPASQIGCSAPGYLPTSLAWHPQQSEVFVFGD
ENGTVSLVDTKSTSCVLSSAVHSQCVTGLVFSPHSVPFLASLSEDCSLAVLDSSLSELFRSQAHRDFVRDATWSPLNHSL
LTTVGWDHQVVHHVVPTEPLPAPGPASVTE
;
B
#
# COMPACT_ATOMS: atom_id res chain seq x y z
N ARG A 21 -0.72 16.32 13.43
CA ARG A 21 -0.78 14.96 14.05
C ARG A 21 -0.90 13.87 12.96
N VAL A 22 -0.13 12.79 13.15
CA VAL A 22 -0.07 11.68 12.19
C VAL A 22 -0.68 10.42 12.81
N SER A 23 -1.60 9.78 12.10
CA SER A 23 -2.18 8.51 12.54
C SER A 23 -1.19 7.38 12.28
N SER A 24 -0.84 6.66 13.34
CA SER A 24 0.30 5.74 13.30
C SER A 24 0.06 4.47 14.12
N GLY A 25 0.31 3.32 13.50
CA GLY A 25 0.13 2.00 14.13
C GLY A 25 1.43 1.25 14.35
N ARG A 26 1.35 0.19 15.16
CA ARG A 26 2.51 -0.68 15.43
C ARG A 26 2.24 -2.06 14.85
N ASP A 27 3.23 -2.63 14.15
CA ASP A 27 3.13 -3.97 13.57
C ASP A 27 3.97 -4.95 14.37
N LEU A 28 3.30 -5.94 14.96
CA LEU A 28 3.97 -7.01 15.71
C LEU A 28 3.60 -8.37 15.17
N ASN A 29 4.47 -9.34 15.43
CA ASN A 29 4.25 -10.74 15.06
C ASN A 29 4.41 -11.65 16.30
N CYS A 30 4.27 -11.04 17.48
CA CYS A 30 4.49 -11.71 18.77
C CYS A 30 3.68 -10.97 19.84
N VAL A 31 2.58 -11.58 20.27
CA VAL A 31 1.65 -11.00 21.24
C VAL A 31 1.40 -12.07 22.31
N PRO A 32 2.06 -11.98 23.49
CA PRO A 32 1.76 -12.93 24.57
C PRO A 32 0.50 -12.57 25.36
N GLU A 33 0.40 -11.32 25.80
CA GLU A 33 -0.79 -10.82 26.48
C GLU A 33 -1.31 -9.60 25.70
N ILE A 34 -2.31 -9.86 24.86
CA ILE A 34 -3.01 -8.84 24.05
C ILE A 34 -3.40 -7.58 24.86
N ALA A 35 -3.78 -7.79 26.12
CA ALA A 35 -3.98 -6.70 27.09
C ALA A 35 -2.75 -5.83 27.31
N ASP A 36 -1.63 -6.45 27.71
CA ASP A 36 -0.37 -5.74 28.01
C ASP A 36 0.25 -5.14 26.76
N THR A 37 0.34 -5.95 25.71
CA THR A 37 0.81 -5.53 24.39
C THR A 37 0.12 -4.24 23.92
N LEU A 38 -1.21 -4.21 23.99
CA LEU A 38 -1.98 -3.00 23.60
C LEU A 38 -1.63 -1.77 24.45
N GLY A 39 -1.69 -1.95 25.77
CA GLY A 39 -1.38 -0.87 26.73
C GLY A 39 0.01 -0.29 26.59
N ALA A 40 0.99 -1.16 26.36
CA ALA A 40 2.36 -0.76 26.04
C ALA A 40 2.40 0.10 24.78
N VAL A 41 1.79 -0.44 23.72
CA VAL A 41 1.67 0.23 22.42
C VAL A 41 0.92 1.58 22.49
N ALA A 42 -0.16 1.62 23.27
CA ALA A 42 -0.95 2.85 23.45
C ALA A 42 -0.20 3.90 24.26
N LYS A 43 0.55 3.46 25.28
CA LYS A 43 1.44 4.34 26.06
C LYS A 43 2.60 4.90 25.24
N GLN A 44 3.03 4.15 24.22
CA GLN A 44 4.07 4.59 23.27
C GLN A 44 3.57 5.71 22.35
N GLY A 45 2.25 5.78 22.14
CA GLY A 45 1.61 6.85 21.35
C GLY A 45 1.00 6.40 20.02
N PHE A 46 0.99 5.08 19.78
CA PHE A 46 0.42 4.51 18.55
C PHE A 46 -1.12 4.51 18.60
N ASP A 47 -1.75 5.00 17.53
CA ASP A 47 -3.21 4.99 17.38
C ASP A 47 -3.79 3.57 17.40
N PHE A 48 -3.07 2.63 16.78
CA PHE A 48 -3.56 1.26 16.61
C PHE A 48 -2.42 0.23 16.60
N LEU A 49 -2.81 -1.04 16.53
CA LEU A 49 -1.88 -2.17 16.50
C LEU A 49 -2.26 -3.15 15.41
N CYS A 50 -1.27 -3.52 14.60
CA CYS A 50 -1.39 -4.64 13.67
C CYS A 50 -0.82 -5.89 14.35
N MET A 51 -1.61 -6.95 14.41
CA MET A 51 -1.22 -8.18 15.12
C MET A 51 -1.91 -9.43 14.54
N PRO A 52 -1.36 -10.63 14.85
CA PRO A 52 -2.01 -11.87 14.40
C PRO A 52 -3.25 -12.26 15.21
N VAL A 53 -4.31 -12.63 14.49
CA VAL A 53 -5.56 -13.10 15.10
C VAL A 53 -5.52 -14.58 15.48
N PHE A 54 -4.53 -15.29 14.95
CA PHE A 54 -4.23 -16.69 15.31
C PHE A 54 -2.73 -16.73 15.59
N HIS A 55 -2.17 -17.88 15.97
CA HIS A 55 -0.72 -17.92 16.19
C HIS A 55 0.00 -18.05 14.85
N PRO A 56 1.00 -17.16 14.58
CA PRO A 56 1.72 -17.24 13.30
C PRO A 56 2.25 -18.62 12.92
N ARG A 57 2.72 -19.36 13.92
CA ARG A 57 3.26 -20.71 13.79
C ARG A 57 2.24 -21.83 14.01
N PHE A 58 1.09 -21.52 14.61
CA PHE A 58 0.00 -22.51 14.84
C PHE A 58 -0.62 -22.92 13.51
N LYS A 59 0.12 -23.72 12.75
CA LYS A 59 -0.34 -24.26 11.48
C LYS A 59 -1.47 -25.22 11.78
N ARG A 60 -2.47 -25.27 10.89
CA ARG A 60 -3.67 -26.10 11.10
C ARG A 60 -3.90 -27.00 9.90
N GLU A 61 -4.60 -28.12 10.13
CA GLU A 61 -4.96 -29.12 9.11
C GLU A 61 -6.48 -29.19 9.03
N PHE A 62 -7.03 -29.18 7.81
CA PHE A 62 -8.50 -29.23 7.61
C PHE A 62 -9.00 -30.47 6.87
N ILE A 63 -8.12 -31.42 6.54
CA ILE A 63 -8.49 -32.58 5.70
C ILE A 63 -7.98 -33.90 6.28
N GLN A 64 -6.66 -34.00 6.44
CA GLN A 64 -5.97 -35.19 6.92
C GLN A 64 -6.13 -35.40 8.43
N GLU A 65 -6.59 -36.60 8.81
CA GLU A 65 -6.55 -37.04 10.21
C GLU A 65 -5.14 -37.55 10.53
N PRO A 66 -4.72 -37.50 11.82
CA PRO A 66 -5.43 -37.04 13.01
C PRO A 66 -5.46 -35.52 13.23
N ALA A 67 -4.60 -34.79 12.53
CA ALA A 67 -4.39 -33.35 12.76
C ALA A 67 -5.64 -32.47 12.61
N LYS A 68 -6.57 -32.85 11.73
CA LYS A 68 -7.81 -32.08 11.53
C LYS A 68 -8.71 -32.05 12.76
N ASN A 69 -8.68 -33.13 13.55
CA ASN A 69 -9.48 -33.26 14.77
C ASN A 69 -8.78 -32.72 16.04
N ARG A 70 -8.00 -31.66 15.89
CA ARG A 70 -7.25 -31.05 17.00
C ARG A 70 -8.16 -30.37 18.02
N PRO A 71 -8.06 -30.78 19.31
CA PRO A 71 -8.81 -30.07 20.35
C PRO A 71 -8.55 -28.57 20.38
N GLY A 72 -9.63 -27.80 20.38
CA GLY A 72 -9.56 -26.35 20.51
C GLY A 72 -9.22 -25.92 21.94
N PRO A 73 -9.22 -24.60 22.21
CA PRO A 73 -9.56 -23.49 21.32
C PRO A 73 -8.55 -23.25 20.21
N GLN A 74 -9.05 -22.88 19.03
CA GLN A 74 -8.20 -22.60 17.86
C GLN A 74 -7.44 -21.28 17.98
N THR A 75 -7.99 -20.34 18.76
CA THR A 75 -7.30 -19.08 19.07
C THR A 75 -7.83 -18.42 20.36
N ARG A 76 -7.38 -17.19 20.61
CA ARG A 76 -7.84 -16.36 21.73
C ARG A 76 -9.31 -16.01 21.67
N SER A 77 -9.86 -15.68 22.83
CA SER A 77 -11.23 -15.22 22.95
C SER A 77 -11.39 -13.76 22.50
N ASP A 78 -12.51 -13.50 21.83
CA ASP A 78 -12.98 -12.14 21.54
C ASP A 78 -13.29 -11.31 22.81
N LEU A 79 -13.67 -12.00 23.89
CA LEU A 79 -13.91 -11.36 25.19
C LEU A 79 -12.69 -10.70 25.85
N LEU A 80 -11.48 -11.00 25.39
CA LEU A 80 -10.26 -10.37 25.91
C LEU A 80 -10.15 -8.86 25.66
N LEU A 81 -10.82 -8.35 24.62
CA LEU A 81 -10.95 -6.90 24.40
C LEU A 81 -12.41 -6.48 24.25
N SER A 82 -12.66 -5.18 24.43
CA SER A 82 -13.96 -4.60 24.20
C SER A 82 -14.24 -4.52 22.70
N GLY A 83 -15.52 -4.54 22.35
CA GLY A 83 -15.97 -4.28 20.99
C GLY A 83 -15.41 -3.00 20.39
N ARG A 84 -15.39 -1.93 21.19
CA ARG A 84 -14.80 -0.64 20.76
C ARG A 84 -13.32 -0.77 20.41
N ASP A 85 -12.56 -1.50 21.22
CA ASP A 85 -11.14 -1.76 20.95
C ASP A 85 -10.91 -2.58 19.68
N TRP A 86 -11.66 -3.67 19.51
CA TRP A 86 -11.64 -4.46 18.28
C TRP A 86 -11.98 -3.60 17.05
N ASN A 87 -12.99 -2.74 17.18
CA ASN A 87 -13.45 -1.88 16.08
C ASN A 87 -12.49 -0.76 15.66
N THR A 88 -11.69 -0.27 16.60
CA THR A 88 -10.83 0.90 16.35
C THR A 88 -9.33 0.60 16.36
N LEU A 89 -8.88 -0.23 17.29
CA LEU A 89 -7.46 -0.38 17.61
C LEU A 89 -6.71 -1.55 16.97
N ILE A 90 -7.43 -2.63 16.62
CA ILE A 90 -6.78 -3.85 16.16
C ILE A 90 -6.90 -4.02 14.65
N VAL A 91 -5.76 -4.32 14.01
CA VAL A 91 -5.69 -4.64 12.59
C VAL A 91 -5.18 -6.08 12.49
N GLY A 92 -5.99 -6.97 11.94
CA GLY A 92 -5.63 -8.38 11.82
C GLY A 92 -4.61 -8.60 10.73
N LYS A 93 -3.83 -9.67 10.85
CA LYS A 93 -2.84 -10.05 9.85
C LYS A 93 -3.05 -11.50 9.47
N LEU A 94 -2.92 -11.80 8.18
CA LEU A 94 -2.99 -13.18 7.71
C LEU A 94 -1.79 -13.96 8.24
N SER A 95 -2.03 -15.20 8.63
CA SER A 95 -0.98 -16.09 9.13
C SER A 95 0.06 -16.35 8.04
N PRO A 96 1.36 -16.13 8.36
CA PRO A 96 2.41 -16.24 7.34
C PRO A 96 2.51 -17.57 6.58
N TRP A 97 2.11 -18.67 7.22
CA TRP A 97 2.09 -20.00 6.60
C TRP A 97 0.98 -20.19 5.55
N ILE A 98 -0.05 -19.33 5.58
CA ILE A 98 -1.19 -19.44 4.66
C ILE A 98 -0.74 -19.01 3.26
N ARG A 99 -0.59 -20.01 2.39
CA ARG A 99 -0.04 -19.84 1.06
C ARG A 99 -0.96 -20.54 0.04
N PRO A 100 -2.04 -19.85 -0.38
CA PRO A 100 -3.03 -20.47 -1.27
C PRO A 100 -2.64 -20.52 -2.76
N ASP A 101 -1.48 -19.95 -3.13
CA ASP A 101 -0.89 -20.19 -4.46
C ASP A 101 0.33 -21.11 -4.41
N SER A 102 0.41 -21.93 -3.36
CA SER A 102 1.41 -22.99 -3.25
C SER A 102 1.34 -23.95 -4.44
N LYS A 103 2.47 -24.57 -4.74
CA LYS A 103 2.56 -25.56 -5.81
C LYS A 103 1.98 -26.91 -5.35
N VAL A 104 1.92 -27.11 -4.03
CA VAL A 104 1.40 -28.33 -3.42
C VAL A 104 -0.10 -28.19 -3.19
N GLU A 105 -0.88 -29.07 -3.83
CA GLU A 105 -2.36 -29.08 -3.73
C GLU A 105 -2.85 -29.06 -2.28
N LYS A 106 -2.26 -29.91 -1.43
CA LYS A 106 -2.65 -29.99 -0.01
C LYS A 106 -2.45 -28.67 0.73
N ILE A 107 -1.30 -28.02 0.53
CA ILE A 107 -1.02 -26.71 1.14
C ILE A 107 -2.00 -25.67 0.61
N ARG A 108 -2.31 -25.76 -0.69
CA ARG A 108 -3.26 -24.86 -1.34
C ARG A 108 -4.63 -24.97 -0.69
N ARG A 109 -5.13 -26.21 -0.57
CA ARG A 109 -6.45 -26.48 0.03
C ARG A 109 -6.53 -26.07 1.50
N ASN A 110 -5.49 -26.39 2.27
CA ASN A 110 -5.41 -25.97 3.68
C ASN A 110 -5.42 -24.46 3.83
N SER A 111 -4.63 -23.78 2.99
CA SER A 111 -4.51 -22.32 3.00
C SER A 111 -5.84 -21.64 2.65
N GLU A 112 -6.59 -22.19 1.70
CA GLU A 112 -7.90 -21.63 1.33
C GLU A 112 -8.82 -21.62 2.55
N ALA A 113 -8.93 -22.77 3.22
CA ALA A 113 -9.74 -22.91 4.44
C ALA A 113 -9.19 -22.05 5.57
N ALA A 114 -7.87 -22.03 5.73
CA ALA A 114 -7.20 -21.22 6.75
C ALA A 114 -7.44 -19.72 6.53
N MET A 115 -7.37 -19.28 5.27
CA MET A 115 -7.58 -17.87 4.91
C MET A 115 -9.00 -17.41 5.22
N LEU A 116 -9.98 -18.14 4.72
CA LEU A 116 -11.40 -17.84 4.97
C LEU A 116 -11.66 -17.79 6.47
N GLN A 117 -11.19 -18.81 7.18
CA GLN A 117 -11.30 -18.90 8.63
C GLN A 117 -10.78 -17.64 9.32
N GLU A 118 -9.57 -17.22 8.95
CA GLU A 118 -8.94 -16.03 9.55
C GLU A 118 -9.70 -14.75 9.22
N LEU A 119 -10.02 -14.57 7.94
CA LEU A 119 -10.80 -13.42 7.47
C LEU A 119 -12.20 -13.35 8.08
N ASN A 120 -12.88 -14.50 8.16
CA ASN A 120 -14.17 -14.62 8.83
C ASN A 120 -14.09 -14.31 10.34
N PHE A 121 -12.96 -14.65 10.97
CA PHE A 121 -12.73 -14.30 12.37
C PHE A 121 -12.51 -12.80 12.56
N GLY A 122 -11.80 -12.17 11.64
CA GLY A 122 -11.63 -10.71 11.63
C GLY A 122 -12.96 -9.98 11.44
N ALA A 123 -13.83 -10.56 10.63
CA ALA A 123 -15.19 -10.05 10.40
C ALA A 123 -16.07 -10.18 11.64
N TYR A 124 -16.03 -11.36 12.24
CA TYR A 124 -16.69 -11.65 13.53
C TYR A 124 -16.31 -10.64 14.63
N LEU A 125 -15.05 -10.23 14.64
CA LEU A 125 -14.53 -9.25 15.60
C LEU A 125 -14.84 -7.78 15.26
N GLY A 126 -15.10 -7.50 13.99
CA GLY A 126 -15.41 -6.15 13.53
C GLY A 126 -14.17 -5.30 13.32
N LEU A 127 -13.10 -5.92 12.84
CA LEU A 127 -11.82 -5.24 12.70
C LEU A 127 -11.86 -4.20 11.56
N PRO A 128 -11.32 -2.98 11.79
CA PRO A 128 -11.33 -1.90 10.80
C PRO A 128 -10.61 -2.27 9.50
N ALA A 129 -9.51 -3.01 9.61
CA ALA A 129 -8.81 -3.56 8.46
C ALA A 129 -8.08 -4.87 8.78
N PHE A 130 -7.69 -5.56 7.71
CA PHE A 130 -7.01 -6.85 7.78
C PHE A 130 -5.87 -6.85 6.75
N LEU A 131 -4.67 -7.26 7.17
CA LEU A 131 -3.46 -7.24 6.33
C LEU A 131 -3.26 -8.56 5.58
N LEU A 132 -2.80 -8.45 4.34
CA LEU A 132 -2.45 -9.60 3.50
C LEU A 132 -1.20 -9.27 2.67
N PRO A 133 -0.26 -10.25 2.54
CA PRO A 133 0.94 -10.01 1.74
C PRO A 133 0.76 -10.19 0.24
N LEU A 134 1.47 -9.39 -0.53
CA LEU A 134 1.74 -9.65 -1.95
C LEU A 134 3.26 -9.72 -2.08
N ASN A 135 3.78 -10.94 -1.96
CA ASN A 135 5.23 -11.21 -1.94
C ASN A 135 5.76 -12.14 -3.04
N GLN A 136 4.90 -12.49 -4.00
CA GLN A 136 5.30 -13.22 -5.22
C GLN A 136 4.42 -12.76 -6.39
N GLU A 137 4.64 -13.31 -7.58
CA GLU A 137 3.94 -12.85 -8.80
C GLU A 137 2.52 -13.40 -8.88
N ASP A 138 2.39 -14.72 -8.80
CA ASP A 138 1.10 -15.40 -8.93
C ASP A 138 0.37 -15.47 -7.58
N ASN A 139 -0.56 -14.53 -7.39
CA ASN A 139 -1.42 -14.45 -6.20
C ASN A 139 -2.88 -14.57 -6.65
N THR A 140 -3.10 -15.45 -7.62
CA THR A 140 -4.37 -15.59 -8.29
C THR A 140 -5.40 -16.27 -7.38
N ASN A 141 -5.00 -17.37 -6.77
CA ASN A 141 -5.87 -18.07 -5.83
C ASN A 141 -6.09 -17.32 -4.51
N LEU A 142 -5.12 -16.50 -4.10
CA LEU A 142 -5.28 -15.59 -2.94
C LEU A 142 -6.40 -14.59 -3.24
N ALA A 143 -6.31 -13.97 -4.42
CA ALA A 143 -7.35 -13.05 -4.93
C ALA A 143 -8.73 -13.69 -5.02
N ARG A 144 -8.80 -14.94 -5.48
CA ARG A 144 -10.06 -15.68 -5.59
C ARG A 144 -10.73 -15.83 -4.25
N VAL A 145 -10.00 -16.37 -3.29
CA VAL A 145 -10.51 -16.63 -1.95
C VAL A 145 -10.90 -15.32 -1.24
N LEU A 146 -10.10 -14.27 -1.43
CA LEU A 146 -10.45 -12.94 -0.89
C LEU A 146 -11.72 -12.38 -1.51
N THR A 147 -11.87 -12.52 -2.82
CA THR A 147 -13.09 -12.10 -3.52
C THR A 147 -14.32 -12.80 -2.94
N ASN A 148 -14.17 -14.07 -2.57
CA ASN A 148 -15.27 -14.86 -1.99
C ASN A 148 -15.68 -14.41 -0.60
N HIS A 149 -14.70 -14.18 0.27
CA HIS A 149 -14.92 -13.54 1.57
C HIS A 149 -15.74 -12.24 1.44
N ILE A 150 -15.40 -11.46 0.42
CA ILE A 150 -16.08 -10.19 0.11
C ILE A 150 -17.55 -10.35 -0.33
N HIS A 151 -17.88 -11.47 -0.99
CA HIS A 151 -19.27 -11.77 -1.40
C HIS A 151 -19.92 -12.84 -0.50
N THR A 152 -19.61 -12.79 0.80
CA THR A 152 -20.07 -13.78 1.78
C THR A 152 -20.25 -13.03 3.11
N GLY A 153 -21.52 -12.80 3.48
CA GLY A 153 -21.86 -11.95 4.62
C GLY A 153 -21.92 -10.49 4.24
N HIS A 154 -22.13 -9.63 5.24
CA HIS A 154 -22.24 -8.18 5.04
C HIS A 154 -21.39 -7.45 6.08
N HIS A 155 -20.20 -7.01 5.64
CA HIS A 155 -19.22 -6.39 6.54
C HIS A 155 -18.43 -5.26 5.83
N SER A 156 -17.94 -4.32 6.63
CA SER A 156 -17.30 -3.08 6.15
C SER A 156 -15.76 -3.05 6.28
N SER A 157 -15.16 -4.22 6.51
CA SER A 157 -13.72 -4.33 6.78
C SER A 157 -12.88 -4.00 5.55
N MET A 158 -11.85 -3.18 5.75
CA MET A 158 -10.86 -2.86 4.70
C MET A 158 -9.81 -3.96 4.60
N PHE A 159 -9.18 -4.07 3.43
CA PHE A 159 -8.10 -5.05 3.20
C PHE A 159 -6.86 -4.35 2.66
N TRP A 160 -5.77 -4.48 3.41
CA TRP A 160 -4.53 -3.77 3.16
C TRP A 160 -3.51 -4.75 2.60
N MET A 161 -3.18 -4.59 1.31
CA MET A 161 -2.21 -5.47 0.67
C MET A 161 -0.79 -4.99 0.96
N ARG A 162 -0.11 -5.71 1.84
CA ARG A 162 1.31 -5.51 2.14
C ARG A 162 2.11 -5.85 0.88
N VAL A 163 2.65 -4.83 0.23
CA VAL A 163 3.43 -4.98 -0.99
C VAL A 163 4.60 -3.99 -0.96
N PRO A 164 5.83 -4.45 -1.27
CA PRO A 164 6.97 -3.55 -1.13
C PRO A 164 7.25 -2.72 -2.38
N LEU A 165 7.90 -1.57 -2.19
CA LEU A 165 8.46 -0.79 -3.30
C LEU A 165 9.36 -1.63 -4.19
N VAL A 166 10.17 -2.49 -3.55
CA VAL A 166 11.14 -3.35 -4.21
C VAL A 166 11.07 -4.73 -3.56
N ALA A 167 10.97 -5.78 -4.37
CA ALA A 167 10.85 -7.17 -3.88
C ALA A 167 12.14 -7.60 -3.15
N PRO A 168 12.02 -8.47 -2.11
CA PRO A 168 13.26 -8.89 -1.42
C PRO A 168 14.33 -9.49 -2.33
N GLU A 169 13.89 -10.22 -3.36
CA GLU A 169 14.79 -10.77 -4.38
C GLU A 169 15.69 -9.70 -5.04
N ASP A 170 15.16 -8.50 -5.26
CA ASP A 170 15.88 -7.43 -5.95
C ASP A 170 16.75 -6.53 -5.05
N LEU A 171 16.64 -6.70 -3.73
CA LEU A 171 17.47 -5.98 -2.75
C LEU A 171 18.35 -6.90 -1.89
N ARG A 172 18.42 -8.19 -2.26
CA ARG A 172 19.22 -9.16 -1.52
C ARG A 172 20.70 -8.81 -1.60
N ASP A 173 21.45 -9.15 -0.55
CA ASP A 173 22.89 -8.96 -0.53
C ASP A 173 23.53 -9.78 -1.64
N ASP A 174 24.51 -9.20 -2.34
CA ASP A 174 25.15 -9.83 -3.49
C ASP A 174 26.22 -10.80 -2.96
N ILE A 175 25.74 -11.89 -2.36
CA ILE A 175 26.58 -12.83 -1.62
C ILE A 175 26.43 -14.31 -2.00
N ILE A 176 25.59 -14.63 -2.99
CA ILE A 176 25.55 -15.98 -3.57
C ILE A 176 26.53 -15.99 -4.76
N GLU A 177 27.61 -16.75 -4.61
CA GLU A 177 28.68 -16.87 -5.62
C GLU A 177 28.16 -17.26 -7.01
N ASN A 178 27.33 -18.30 -7.06
CA ASN A 178 26.77 -18.83 -8.33
C ASN A 178 25.36 -18.32 -8.69
N ALA A 179 24.92 -17.24 -8.06
CA ALA A 179 23.67 -16.57 -8.38
C ALA A 179 23.84 -15.08 -8.06
N PRO A 180 24.63 -14.36 -8.87
CA PRO A 180 24.91 -12.95 -8.60
C PRO A 180 23.77 -12.03 -9.00
N THR A 181 23.66 -10.92 -8.28
CA THR A 181 22.62 -9.91 -8.53
C THR A 181 23.06 -9.14 -9.76
N THR A 182 22.23 -9.15 -10.80
CA THR A 182 22.57 -8.45 -12.06
C THR A 182 22.74 -6.95 -11.80
N HIS A 183 23.79 -6.38 -12.37
CA HIS A 183 24.12 -4.96 -12.23
C HIS A 183 23.77 -4.21 -13.52
N THR A 184 22.65 -4.62 -14.11
CA THR A 184 22.05 -4.03 -15.29
C THR A 184 20.70 -3.47 -14.85
N GLU A 185 20.43 -2.22 -15.21
CA GLU A 185 19.14 -1.59 -14.97
C GLU A 185 18.06 -2.28 -15.82
N GLU A 186 17.05 -2.84 -15.15
CA GLU A 186 15.88 -3.42 -15.83
C GLU A 186 14.68 -2.52 -15.53
N TYR A 187 14.30 -1.68 -16.50
CA TYR A 187 13.33 -0.61 -16.27
C TYR A 187 11.97 -1.13 -15.80
N SER A 188 11.35 -1.97 -16.63
CA SER A 188 10.05 -2.58 -16.29
C SER A 188 10.19 -3.61 -15.16
N GLY A 189 11.33 -4.30 -15.14
CA GLY A 189 11.66 -5.25 -14.08
C GLY A 189 11.68 -4.67 -12.68
N GLU A 190 12.25 -3.48 -12.54
CA GLU A 190 12.29 -2.76 -11.26
C GLU A 190 10.91 -2.31 -10.73
N GLU A 191 9.93 -2.26 -11.64
CA GLU A 191 8.52 -1.96 -11.31
C GLU A 191 7.62 -3.19 -11.08
N LYS A 192 8.19 -4.39 -11.01
CA LYS A 192 7.41 -5.64 -10.94
C LYS A 192 6.41 -5.73 -9.78
N THR A 193 6.75 -5.13 -8.65
CA THR A 193 5.86 -5.11 -7.47
C THR A 193 4.58 -4.31 -7.69
N TRP A 194 4.62 -3.33 -8.59
CA TRP A 194 3.40 -2.65 -9.03
C TRP A 194 2.49 -3.62 -9.78
N MET A 195 3.08 -4.43 -10.68
CA MET A 195 2.32 -5.42 -11.44
C MET A 195 1.72 -6.53 -10.58
N TRP A 196 2.42 -6.91 -9.50
CA TRP A 196 1.88 -7.81 -8.47
C TRP A 196 0.55 -7.27 -7.95
N TRP A 197 0.57 -5.97 -7.62
CA TRP A 197 -0.62 -5.27 -7.13
C TRP A 197 -1.70 -5.09 -8.20
N HIS A 198 -1.30 -4.64 -9.39
CA HIS A 198 -2.22 -4.38 -10.50
C HIS A 198 -3.06 -5.61 -10.86
N ASN A 199 -2.40 -6.76 -10.94
CA ASN A 199 -3.06 -8.03 -11.26
C ASN A 199 -3.98 -8.52 -10.13
N PHE A 200 -3.58 -8.28 -8.89
CA PHE A 200 -4.41 -8.64 -7.73
C PHE A 200 -5.72 -7.86 -7.69
N ARG A 201 -5.62 -6.54 -7.73
CA ARG A 201 -6.80 -5.67 -7.70
C ARG A 201 -7.66 -5.77 -8.97
N THR A 202 -7.04 -6.02 -10.12
CA THR A 202 -7.76 -6.30 -11.37
C THR A 202 -8.57 -7.60 -11.22
N LEU A 203 -7.94 -8.64 -10.68
CA LEU A 203 -8.62 -9.92 -10.42
C LEU A 203 -9.80 -9.80 -9.45
N CYS A 204 -9.63 -8.99 -8.41
CA CYS A 204 -10.70 -8.69 -7.44
C CYS A 204 -11.66 -7.58 -7.86
N ASP A 205 -11.62 -7.18 -9.14
CA ASP A 205 -12.63 -6.32 -9.76
C ASP A 205 -12.66 -4.89 -9.18
N TYR A 206 -11.48 -4.37 -8.85
CA TYR A 206 -11.32 -3.00 -8.32
C TYR A 206 -12.23 -2.68 -7.12
N SER A 207 -12.31 -3.63 -6.18
CA SER A 207 -13.05 -3.42 -4.93
C SER A 207 -12.52 -2.18 -4.21
N LYS A 208 -13.44 -1.33 -3.76
CA LYS A 208 -13.09 -0.17 -2.91
C LYS A 208 -12.48 -0.58 -1.56
N ARG A 209 -12.78 -1.82 -1.14
CA ARG A 209 -12.29 -2.38 0.12
C ARG A 209 -10.85 -2.94 0.07
N ILE A 210 -10.26 -3.01 -1.12
CA ILE A 210 -8.87 -3.49 -1.29
C ILE A 210 -7.95 -2.28 -1.57
N ALA A 211 -7.12 -1.96 -0.58
CA ALA A 211 -6.19 -0.84 -0.64
C ALA A 211 -4.74 -1.33 -0.45
N VAL A 212 -3.79 -0.42 -0.57
CA VAL A 212 -2.35 -0.74 -0.47
C VAL A 212 -1.75 -0.30 0.86
N ALA A 213 -0.93 -1.19 1.43
CA ALA A 213 -0.05 -0.88 2.55
C ALA A 213 1.38 -0.99 2.04
N LEU A 214 1.89 0.10 1.48
CA LEU A 214 3.17 0.09 0.76
C LEU A 214 4.36 -0.01 1.71
N GLU A 215 5.15 -1.08 1.56
CA GLU A 215 6.31 -1.32 2.42
C GLU A 215 7.59 -0.72 1.84
N ILE A 216 8.31 0.04 2.67
CA ILE A 216 9.52 0.76 2.27
C ILE A 216 10.76 0.00 2.71
N GLY A 217 11.78 -0.01 1.86
CA GLY A 217 13.07 -0.65 2.12
C GLY A 217 14.17 0.37 2.39
N ALA A 218 15.30 -0.10 2.90
CA ALA A 218 16.41 0.77 3.31
C ALA A 218 17.00 1.60 2.17
N ASP A 219 17.14 0.99 0.99
CA ASP A 219 17.55 1.69 -0.24
C ASP A 219 16.35 1.85 -1.17
N LEU A 220 15.98 3.10 -1.44
CA LEU A 220 14.89 3.40 -2.38
C LEU A 220 15.30 3.08 -3.82
N PRO A 221 14.32 2.72 -4.69
CA PRO A 221 14.60 2.51 -6.11
C PRO A 221 14.57 3.81 -6.90
N SER A 222 14.75 3.68 -8.22
CA SER A 222 14.61 4.80 -9.16
C SER A 222 13.24 5.46 -9.08
N ASN A 223 13.17 6.76 -9.37
CA ASN A 223 11.95 7.57 -9.20
C ASN A 223 10.73 7.04 -9.97
N HIS A 224 10.95 6.53 -11.17
CA HIS A 224 9.87 5.96 -11.98
C HIS A 224 9.18 4.74 -11.31
N VAL A 225 9.93 4.01 -10.48
CA VAL A 225 9.38 2.89 -9.69
C VAL A 225 8.45 3.40 -8.60
N ILE A 226 8.87 4.43 -7.87
CA ILE A 226 8.02 5.08 -6.85
C ILE A 226 6.82 5.77 -7.49
N ASP A 227 7.09 6.54 -8.55
CA ASP A 227 6.05 7.28 -9.30
C ASP A 227 4.94 6.38 -9.87
N ARG A 228 5.28 5.13 -10.15
CA ARG A 228 4.33 4.08 -10.54
C ARG A 228 3.10 3.94 -9.62
N TRP A 229 3.32 4.14 -8.32
CA TRP A 229 2.25 4.09 -7.31
C TRP A 229 1.41 5.36 -7.14
N LEU A 230 1.75 6.44 -7.84
CA LEU A 230 0.90 7.63 -7.89
C LEU A 230 -0.43 7.26 -8.53
N GLY A 231 -1.52 7.71 -7.91
CA GLY A 231 -2.88 7.34 -8.31
C GLY A 231 -3.46 6.14 -7.58
N GLU A 232 -2.61 5.27 -7.04
CA GLU A 232 -3.06 4.04 -6.38
C GLU A 232 -3.62 4.33 -4.98
N PRO A 233 -4.59 3.50 -4.53
CA PRO A 233 -5.24 3.73 -3.23
C PRO A 233 -4.35 3.28 -2.07
N ILE A 234 -3.38 4.11 -1.73
CA ILE A 234 -2.47 3.82 -0.62
C ILE A 234 -3.15 4.26 0.68
N LYS A 235 -3.54 3.29 1.49
CA LYS A 235 -4.10 3.55 2.82
C LYS A 235 -3.05 3.47 3.94
N ALA A 236 -1.89 2.87 3.66
CA ALA A 236 -0.80 2.84 4.64
C ALA A 236 0.60 2.79 4.02
N ALA A 237 1.58 3.15 4.84
CA ALA A 237 3.00 3.08 4.51
C ALA A 237 3.73 2.43 5.66
N ILE A 238 4.36 1.27 5.39
CA ILE A 238 5.05 0.50 6.42
C ILE A 238 6.54 0.84 6.41
N LEU A 239 7.06 1.15 7.60
CA LEU A 239 8.44 1.59 7.80
C LEU A 239 9.14 0.63 8.77
N PRO A 240 10.02 -0.26 8.26
CA PRO A 240 10.77 -1.11 9.17
C PRO A 240 11.82 -0.32 9.94
N THR A 241 11.93 -0.55 11.24
CA THR A 241 12.92 0.14 12.10
C THR A 241 14.33 0.14 11.50
N SER A 242 14.70 -0.96 10.86
CA SER A 242 16.00 -1.12 10.19
C SER A 242 16.35 -0.06 9.13
N ILE A 243 15.35 0.57 8.50
CA ILE A 243 15.60 1.62 7.48
C ILE A 243 16.05 2.96 8.06
N PHE A 244 15.98 3.11 9.38
CA PHE A 244 16.31 4.35 10.05
C PHE A 244 17.81 4.45 10.32
N LEU A 245 18.40 5.54 9.87
CA LEU A 245 19.80 5.85 10.16
C LEU A 245 19.88 6.36 11.60
N THR A 246 21.02 6.15 12.24
CA THR A 246 21.31 6.73 13.55
C THR A 246 22.13 8.01 13.37
N ASN A 247 21.88 9.00 14.22
CA ASN A 247 22.60 10.28 14.20
C ASN A 247 23.59 10.37 15.36
N LYS A 248 24.29 11.50 15.46
CA LYS A 248 25.28 11.75 16.52
C LYS A 248 24.75 11.50 17.94
N LYS A 249 23.59 12.07 18.23
CA LYS A 249 22.97 11.97 19.56
C LYS A 249 22.42 10.58 19.89
N GLY A 250 21.92 9.87 18.87
CA GLY A 250 21.45 8.48 19.02
C GLY A 250 20.04 8.15 18.55
N PHE A 251 19.28 9.17 18.14
CA PHE A 251 17.89 8.97 17.69
C PHE A 251 17.84 8.32 16.30
N PRO A 252 16.69 7.68 15.98
CA PRO A 252 16.43 7.26 14.59
C PRO A 252 16.03 8.44 13.72
N VAL A 253 16.55 8.44 12.49
CA VAL A 253 16.22 9.44 11.47
C VAL A 253 16.07 8.71 10.14
N LEU A 254 15.83 9.47 9.07
CA LEU A 254 15.78 8.93 7.70
C LEU A 254 16.61 9.82 6.79
N SER A 255 17.05 9.26 5.66
CA SER A 255 17.81 10.01 4.66
C SER A 255 16.91 11.03 3.95
N LYS A 256 17.50 12.16 3.55
CA LYS A 256 16.81 13.23 2.81
C LYS A 256 15.89 12.73 1.68
N MET A 257 16.32 11.68 0.98
CA MET A 257 15.51 11.04 -0.08
C MET A 257 14.27 10.31 0.45
N HIS A 258 14.42 9.62 1.58
CA HIS A 258 13.27 9.00 2.27
C HIS A 258 12.26 10.02 2.76
N GLN A 259 12.74 11.18 3.20
CA GLN A 259 11.88 12.24 3.75
C GLN A 259 10.94 12.78 2.66
N ARG A 260 11.51 13.11 1.51
CA ARG A 260 10.77 13.47 0.28
C ARG A 260 9.59 12.53 0.02
N LEU A 261 9.85 11.23 0.09
CA LEU A 261 8.80 10.20 0.01
C LEU A 261 7.77 10.31 1.15
N ILE A 262 8.24 10.50 2.38
CA ILE A 262 7.35 10.70 3.55
C ILE A 262 6.42 11.91 3.38
N PHE A 263 6.97 13.05 2.99
CA PHE A 263 6.19 14.26 2.71
C PHE A 263 5.16 14.05 1.61
N ARG A 264 5.52 13.26 0.59
CA ARG A 264 4.60 12.88 -0.48
C ARG A 264 3.46 11.99 0.03
N LEU A 265 3.81 11.01 0.87
CA LEU A 265 2.82 10.15 1.53
C LEU A 265 1.93 10.90 2.53
N LEU A 266 2.51 11.89 3.23
CA LEU A 266 1.76 12.74 4.18
C LEU A 266 0.64 13.54 3.50
N LYS A 267 0.86 13.95 2.26
CA LYS A 267 -0.19 14.56 1.42
C LYS A 267 -1.35 13.62 1.13
N LEU A 268 -1.03 12.35 0.89
CA LEU A 268 -2.04 11.28 0.79
C LEU A 268 -2.67 10.87 2.13
N GLU A 269 -2.19 11.44 3.23
CA GLU A 269 -2.74 11.23 4.58
C GLU A 269 -2.82 9.74 4.94
N VAL A 270 -1.77 9.01 4.57
CA VAL A 270 -1.70 7.56 4.81
C VAL A 270 -1.46 7.33 6.30
N GLN A 271 -1.84 6.15 6.77
CA GLN A 271 -1.55 5.72 8.13
C GLN A 271 -0.19 5.03 8.18
N PHE A 272 0.70 5.51 9.05
CA PHE A 272 2.08 5.01 9.13
C PHE A 272 2.26 3.87 10.10
N ILE A 273 2.61 2.70 9.56
CA ILE A 273 2.87 1.52 10.37
C ILE A 273 4.37 1.42 10.59
N ILE A 274 4.75 1.03 11.80
CA ILE A 274 6.16 0.81 12.18
C ILE A 274 6.32 -0.69 12.46
N THR A 275 7.09 -1.38 11.61
CA THR A 275 7.33 -2.82 11.74
C THR A 275 8.73 -3.13 12.28
N GLY A 276 8.91 -4.34 12.80
CA GLY A 276 10.21 -4.81 13.30
C GLY A 276 10.53 -4.42 14.73
N THR A 277 11.62 -4.98 15.25
CA THR A 277 12.07 -4.78 16.64
C THR A 277 12.76 -3.42 16.82
N ASN A 278 12.89 -2.97 18.07
CA ASN A 278 13.58 -1.70 18.39
C ASN A 278 15.09 -1.89 18.39
N HIS A 279 15.72 -1.51 17.29
CA HIS A 279 17.18 -1.53 17.14
C HIS A 279 17.83 -0.34 17.83
N HIS A 280 17.09 0.76 17.94
CA HIS A 280 17.52 1.96 18.64
C HIS A 280 17.25 1.88 20.13
N LYS A 283 15.94 3.31 22.46
CA LYS A 283 15.71 4.71 22.78
C LYS A 283 14.31 4.86 23.38
N GLU A 284 13.27 4.50 22.63
CA GLU A 284 11.88 4.56 23.15
C GLU A 284 10.79 3.83 22.30
N PHE A 285 10.74 4.11 21.00
CA PHE A 285 9.65 3.67 20.05
C PHE A 285 8.83 4.91 19.77
N CYS A 286 8.61 5.70 20.82
CA CYS A 286 8.13 7.07 20.67
C CYS A 286 9.09 7.85 19.77
N SER A 287 10.40 7.56 19.85
CA SER A 287 11.42 8.19 19.01
C SER A 287 11.20 7.99 17.51
N TYR A 288 10.92 6.75 17.11
CA TYR A 288 10.53 6.46 15.71
C TYR A 288 9.29 7.26 15.36
N LEU A 289 8.33 7.23 16.28
CA LEU A 289 7.06 7.96 16.15
C LEU A 289 7.26 9.47 16.23
N GLN A 290 8.06 9.89 17.20
CA GLN A 290 8.41 11.31 17.41
C GLN A 290 9.08 11.90 16.19
N TYR A 291 9.89 11.10 15.48
CA TYR A 291 10.51 11.57 14.25
C TYR A 291 9.45 11.89 13.20
N LEU A 292 8.56 10.93 12.95
CA LEU A 292 7.43 11.17 12.03
C LEU A 292 6.65 12.43 12.36
N GLU A 293 6.46 12.69 13.65
CA GLU A 293 5.86 13.94 14.11
C GLU A 293 6.73 15.14 13.74
N TYR A 294 8.03 15.06 14.01
CA TYR A 294 9.00 16.12 13.66
C TYR A 294 9.01 16.47 12.16
N LEU A 295 9.01 15.45 11.31
CA LEU A 295 8.86 15.65 9.86
C LEU A 295 7.51 16.31 9.55
N SER A 296 6.45 15.81 10.18
CA SER A 296 5.08 16.34 9.99
C SER A 296 4.89 17.79 10.44
N GLN A 297 5.48 18.17 11.58
CA GLN A 297 5.44 19.56 12.05
C GLN A 297 6.16 20.49 11.08
N ASN A 298 7.38 20.09 10.68
CA ASN A 298 8.24 20.89 9.80
C ASN A 298 8.12 20.50 8.33
N ARG A 299 7.11 21.08 7.68
CA ARG A 299 6.89 20.98 6.24
C ARG A 299 6.44 22.36 5.75
N PRO A 300 6.37 22.58 4.42
CA PRO A 300 5.74 23.82 3.94
C PRO A 300 4.24 23.84 4.30
N PRO A 301 3.76 24.95 4.94
CA PRO A 301 2.37 24.98 5.43
C PRO A 301 1.32 25.02 4.31
N PRO A 302 0.04 24.77 4.65
CA PRO A 302 -1.00 24.74 3.62
C PRO A 302 -1.29 26.15 3.06
N ASN A 303 -0.86 26.38 1.82
CA ASN A 303 -1.10 27.65 1.11
C ASN A 303 -2.60 27.97 0.91
N ALA A 304 -2.88 29.24 0.63
CA ALA A 304 -4.25 29.78 0.59
C ALA A 304 -5.20 29.10 -0.40
N TYR A 305 -4.66 28.56 -1.48
CA TYR A 305 -5.39 27.69 -2.41
C TYR A 305 -5.75 26.36 -1.72
N GLU A 306 -4.72 25.70 -1.17
CA GLU A 306 -4.85 24.38 -0.55
C GLU A 306 -5.68 24.34 0.74
N LEU A 307 -5.73 25.46 1.46
CA LEU A 307 -6.57 25.60 2.66
C LEU A 307 -8.05 25.57 2.29
N PHE A 308 -8.41 26.36 1.28
CA PHE A 308 -9.76 26.36 0.69
C PHE A 308 -10.16 24.98 0.12
N ALA A 309 -9.20 24.31 -0.51
CA ALA A 309 -9.42 23.01 -1.16
C ALA A 309 -9.43 21.80 -0.20
N LYS A 310 -8.97 21.99 1.04
CA LYS A 310 -8.99 20.93 2.05
C LYS A 310 -10.43 20.49 2.31
N GLY A 311 -10.69 19.20 2.09
CA GLY A 311 -12.04 18.62 2.09
C GLY A 311 -12.44 18.08 0.74
N TYR A 312 -12.13 18.83 -0.32
CA TYR A 312 -12.54 18.50 -1.70
C TYR A 312 -11.53 17.65 -2.50
N GLU A 313 -10.52 17.08 -1.84
CA GLU A 313 -9.46 16.30 -2.51
C GLU A 313 -10.06 15.05 -3.18
N ASP A 314 -10.02 15.01 -4.51
CA ASP A 314 -10.61 13.92 -5.32
C ASP A 314 -12.11 13.69 -5.10
N TYR A 315 -12.84 14.75 -4.77
CA TYR A 315 -14.29 14.73 -4.59
C TYR A 315 -14.94 15.11 -5.92
N LEU A 316 -15.70 14.18 -6.49
CA LEU A 316 -16.37 14.43 -7.78
C LEU A 316 -17.62 15.29 -7.60
N GLN A 317 -17.74 16.30 -8.44
CA GLN A 317 -18.93 17.17 -8.51
C GLN A 317 -19.37 17.34 -9.96
N SER A 318 -20.66 17.51 -10.16
CA SER A 318 -21.19 17.89 -11.47
C SER A 318 -20.75 19.32 -11.78
N PRO A 319 -20.28 19.58 -13.02
CA PRO A 319 -19.89 20.96 -13.35
C PRO A 319 -21.11 21.86 -13.39
N LEU A 320 -20.96 23.11 -12.95
CA LEU A 320 -22.08 24.04 -12.90
C LEU A 320 -22.51 24.42 -14.31
N GLN A 321 -23.82 24.62 -14.46
CA GLN A 321 -24.41 25.14 -15.68
C GLN A 321 -25.23 26.36 -15.29
N PRO A 322 -24.57 27.54 -15.14
CA PRO A 322 -25.36 28.70 -14.74
C PRO A 322 -26.31 29.23 -15.81
N LEU A 323 -26.16 28.81 -17.05
CA LEU A 323 -27.10 29.18 -18.11
C LEU A 323 -28.40 28.40 -17.93
N MET A 324 -28.32 27.07 -17.95
CA MET A 324 -29.48 26.20 -17.82
C MET A 324 -30.13 26.29 -16.44
N ASP A 325 -29.31 26.31 -15.39
CA ASP A 325 -29.80 26.43 -14.02
C ASP A 325 -29.67 27.88 -13.52
N ASN A 326 -30.29 28.16 -12.38
CA ASN A 326 -30.15 29.44 -11.68
C ASN A 326 -29.30 29.18 -10.45
N LEU A 327 -28.09 29.75 -10.40
CA LEU A 327 -27.18 29.50 -9.29
C LEU A 327 -27.71 30.06 -7.99
N GLU A 328 -27.35 29.40 -6.89
CA GLU A 328 -27.83 29.75 -5.57
C GLU A 328 -27.05 30.97 -5.06
N SER A 329 -27.59 31.62 -4.04
CA SER A 329 -26.95 32.80 -3.42
C SER A 329 -25.54 32.50 -2.93
N GLN A 330 -25.36 31.34 -2.29
CA GLN A 330 -24.04 30.91 -1.81
C GLN A 330 -23.05 30.57 -2.92
N THR A 331 -23.54 29.99 -4.02
CA THR A 331 -22.72 29.76 -5.21
C THR A 331 -22.10 31.06 -5.74
N TYR A 332 -22.91 32.12 -5.76
CA TYR A 332 -22.43 33.46 -6.12
C TYR A 332 -21.46 34.02 -5.07
N GLU A 333 -21.77 33.80 -3.79
CA GLU A 333 -20.90 34.21 -2.68
C GLU A 333 -19.50 33.59 -2.77
N VAL A 334 -19.45 32.30 -3.11
CA VAL A 334 -18.18 31.60 -3.39
C VAL A 334 -17.37 32.26 -4.50
N PHE A 335 -18.03 32.55 -5.62
CA PHE A 335 -17.42 33.27 -6.74
C PHE A 335 -16.76 34.59 -6.31
N GLU A 336 -17.42 35.28 -5.38
CA GLU A 336 -16.99 36.59 -4.88
C GLU A 336 -15.85 36.60 -3.85
N LYS A 337 -15.47 35.43 -3.31
CA LYS A 337 -14.34 35.32 -2.36
C LYS A 337 -12.95 35.29 -3.01
N ASP A 338 -12.89 35.63 -4.30
CA ASP A 338 -11.66 35.62 -5.09
C ASP A 338 -11.43 37.05 -5.63
N PRO A 339 -11.06 38.01 -4.73
CA PRO A 339 -10.91 39.40 -5.15
C PRO A 339 -9.71 39.67 -6.08
N ILE A 340 -8.74 38.75 -6.07
CA ILE A 340 -7.67 38.67 -7.08
C ILE A 340 -8.23 38.64 -8.51
N LYS A 341 -9.20 37.75 -8.74
CA LYS A 341 -9.89 37.64 -10.04
C LYS A 341 -10.51 38.95 -10.50
N TYR A 342 -11.12 39.67 -9.56
CA TYR A 342 -11.84 40.91 -9.88
C TYR A 342 -10.97 42.15 -9.99
N SER A 343 -9.82 42.16 -9.33
CA SER A 343 -8.76 43.15 -9.61
C SER A 343 -8.12 42.92 -10.98
N GLN A 344 -8.06 41.65 -11.42
CA GLN A 344 -7.67 41.32 -12.80
C GLN A 344 -8.72 41.82 -13.80
N TYR A 345 -10.00 41.63 -13.48
CA TYR A 345 -11.10 42.22 -14.27
C TYR A 345 -11.12 43.76 -14.22
N GLN A 346 -10.83 44.32 -13.05
CA GLN A 346 -10.72 45.78 -12.85
C GLN A 346 -9.64 46.37 -13.76
N GLN A 347 -8.45 45.78 -13.68
CA GLN A 347 -7.28 46.21 -14.47
C GLN A 347 -7.54 46.10 -15.98
N ALA A 348 -8.06 44.96 -16.42
CA ALA A 348 -8.32 44.76 -17.86
C ALA A 348 -9.26 45.83 -18.39
N ILE A 349 -10.33 46.13 -17.64
CA ILE A 349 -11.27 47.20 -18.02
C ILE A 349 -10.55 48.55 -17.98
N TYR A 350 -9.76 48.79 -16.93
CA TYR A 350 -9.01 50.04 -16.77
C TYR A 350 -8.08 50.29 -17.97
N LYS A 351 -7.31 49.28 -18.36
CA LYS A 351 -6.41 49.41 -19.51
C LYS A 351 -7.19 49.72 -20.78
N CYS A 352 -8.33 49.04 -20.98
CA CYS A 352 -9.16 49.21 -22.17
C CYS A 352 -9.72 50.62 -22.30
N LEU A 353 -10.14 51.21 -21.19
CA LEU A 353 -10.72 52.57 -21.20
C LEU A 353 -9.72 53.58 -21.77
N LEU A 354 -8.46 53.47 -21.35
CA LEU A 354 -7.41 54.39 -21.80
C LEU A 354 -7.13 54.24 -23.29
N ASP A 355 -7.11 53.00 -23.79
CA ASP A 355 -6.87 52.76 -25.23
C ASP A 355 -8.02 53.25 -26.11
N ARG A 356 -9.22 53.41 -25.55
CA ARG A 356 -10.39 53.88 -26.32
C ARG A 356 -10.64 55.37 -26.20
N VAL A 357 -10.63 55.87 -24.97
CA VAL A 357 -10.92 57.28 -24.67
C VAL A 357 -9.59 58.04 -24.49
N PRO A 358 -9.20 58.87 -25.49
CA PRO A 358 -8.01 59.70 -25.27
C PRO A 358 -8.27 60.84 -24.27
N GLU A 359 -7.24 61.19 -23.50
CA GLU A 359 -7.29 62.16 -22.39
C GLU A 359 -8.08 63.44 -22.68
N GLU A 360 -7.92 64.02 -23.87
CA GLU A 360 -8.65 65.23 -24.27
C GLU A 360 -10.16 65.01 -24.44
N GLU A 361 -10.55 63.79 -24.84
CA GLU A 361 -11.96 63.40 -25.00
C GLU A 361 -12.66 62.93 -23.71
N LYS A 362 -11.94 62.86 -22.59
CA LYS A 362 -12.42 62.20 -21.36
C LYS A 362 -13.75 62.70 -20.80
N ASP A 363 -14.00 64.00 -20.91
CA ASP A 363 -15.22 64.62 -20.39
C ASP A 363 -16.40 64.43 -21.34
N THR A 364 -16.19 64.74 -22.62
CA THR A 364 -17.17 64.53 -23.69
C THR A 364 -17.63 63.08 -23.92
N ASN A 365 -16.69 62.13 -23.79
CA ASN A 365 -16.88 60.75 -24.29
C ASN A 365 -17.20 59.74 -23.18
N VAL A 366 -18.48 59.44 -22.99
CA VAL A 366 -18.93 58.43 -22.04
C VAL A 366 -19.07 57.07 -22.74
N GLN A 367 -18.37 56.05 -22.22
CA GLN A 367 -18.35 54.70 -22.81
C GLN A 367 -19.49 53.84 -22.29
N VAL A 368 -20.08 53.02 -23.16
CA VAL A 368 -21.17 52.10 -22.79
C VAL A 368 -20.59 50.71 -22.47
N LEU A 369 -20.47 50.41 -21.18
CA LEU A 369 -20.05 49.08 -20.71
C LEU A 369 -21.28 48.22 -20.41
N MET A 370 -21.20 46.93 -20.77
CA MET A 370 -22.29 45.98 -20.54
C MET A 370 -21.75 44.70 -19.93
N VAL A 371 -21.97 44.53 -18.63
CA VAL A 371 -21.66 43.28 -17.95
C VAL A 371 -22.74 42.28 -18.38
N LEU A 372 -22.32 41.23 -19.10
CA LEU A 372 -23.24 40.22 -19.62
C LEU A 372 -23.14 38.95 -18.78
N GLY A 373 -24.16 38.73 -17.94
CA GLY A 373 -24.12 37.70 -16.91
C GLY A 373 -23.41 38.27 -15.69
N ALA A 374 -24.11 39.16 -14.99
CA ALA A 374 -23.55 39.97 -13.91
C ALA A 374 -23.64 39.34 -12.51
N GLY A 375 -24.53 38.37 -12.34
CA GLY A 375 -24.75 37.73 -11.04
C GLY A 375 -25.25 38.72 -10.01
N ARG A 376 -24.46 38.89 -8.94
CA ARG A 376 -24.76 39.87 -7.88
C ARG A 376 -23.89 41.15 -8.00
N GLY A 377 -23.33 41.39 -9.18
CA GLY A 377 -22.55 42.59 -9.47
C GLY A 377 -21.20 42.78 -8.80
N PRO A 378 -20.33 41.74 -8.81
CA PRO A 378 -18.92 41.98 -8.49
C PRO A 378 -18.18 42.66 -9.66
N LEU A 379 -18.49 42.23 -10.89
CA LEU A 379 -17.98 42.90 -12.11
C LEU A 379 -18.55 44.30 -12.31
N VAL A 380 -19.76 44.55 -11.81
CA VAL A 380 -20.35 45.90 -11.84
C VAL A 380 -19.52 46.87 -11.00
N ASN A 381 -19.16 46.44 -9.80
CA ASN A 381 -18.27 47.21 -8.91
C ASN A 381 -16.86 47.36 -9.46
N ALA A 382 -16.33 46.28 -10.03
CA ALA A 382 -15.02 46.31 -10.70
C ALA A 382 -14.97 47.27 -11.88
N SER A 383 -16.09 47.43 -12.59
CA SER A 383 -16.23 48.39 -13.69
C SER A 383 -16.34 49.84 -13.21
N LEU A 384 -17.12 50.06 -12.14
CA LEU A 384 -17.21 51.37 -11.48
C LEU A 384 -15.84 51.83 -10.95
N ARG A 385 -15.11 50.89 -10.34
CA ARG A 385 -13.78 51.16 -9.77
C ARG A 385 -12.69 51.37 -10.83
N ALA A 386 -12.75 50.61 -11.91
CA ALA A 386 -11.82 50.76 -13.05
C ALA A 386 -11.97 52.12 -13.72
N ALA A 387 -13.23 52.57 -13.84
CA ALA A 387 -13.55 53.90 -14.37
C ALA A 387 -13.07 55.03 -13.46
N LYS A 388 -13.23 54.85 -12.14
CA LYS A 388 -12.72 55.79 -11.14
C LYS A 388 -11.19 55.90 -11.18
N GLN A 389 -10.50 54.76 -11.27
CA GLN A 389 -9.02 54.75 -11.31
C GLN A 389 -8.45 55.24 -12.67
N ALA A 390 -9.20 55.01 -13.75
CA ALA A 390 -8.83 55.49 -15.09
C ALA A 390 -9.08 56.97 -15.35
N ASP A 391 -9.90 57.60 -14.52
CA ASP A 391 -10.33 59.01 -14.71
C ASP A 391 -11.12 59.20 -16.02
N ARG A 392 -11.96 58.22 -16.34
CA ARG A 392 -12.86 58.26 -17.51
C ARG A 392 -14.30 57.96 -17.10
N ARG A 393 -15.24 58.49 -17.87
CA ARG A 393 -16.67 58.36 -17.59
C ARG A 393 -17.27 57.16 -18.31
N ILE A 394 -18.14 56.43 -17.61
CA ILE A 394 -18.80 55.25 -18.18
C ILE A 394 -20.31 55.21 -17.93
N LYS A 395 -20.99 54.47 -18.81
CA LYS A 395 -22.38 54.10 -18.66
C LYS A 395 -22.44 52.58 -18.49
N LEU A 396 -23.11 52.12 -17.44
CA LEU A 396 -23.21 50.70 -17.10
C LEU A 396 -24.56 50.10 -17.47
N TYR A 397 -24.53 48.84 -17.90
CA TYR A 397 -25.72 48.00 -17.97
C TYR A 397 -25.37 46.66 -17.31
N ALA A 398 -26.24 46.18 -16.44
CA ALA A 398 -26.03 44.93 -15.71
C ALA A 398 -27.05 43.88 -16.15
N VAL A 399 -26.73 43.16 -17.23
CA VAL A 399 -27.63 42.14 -17.78
C VAL A 399 -27.45 40.85 -17.00
N GLU A 400 -28.50 40.41 -16.29
CA GLU A 400 -28.50 39.14 -15.56
C GLU A 400 -29.77 38.33 -15.84
N LYS A 401 -29.58 37.10 -16.31
CA LYS A 401 -30.67 36.17 -16.64
C LYS A 401 -31.42 35.68 -15.39
N ASN A 402 -30.68 35.27 -14.37
CA ASN A 402 -31.24 34.78 -13.09
C ASN A 402 -32.07 35.89 -12.41
N PRO A 403 -33.36 35.62 -12.09
CA PRO A 403 -34.14 36.74 -11.52
C PRO A 403 -33.93 36.88 -10.01
N ASN A 404 -33.37 35.86 -9.37
CA ASN A 404 -33.13 35.85 -7.94
C ASN A 404 -31.90 36.72 -7.64
N ALA A 405 -30.86 36.54 -8.46
CA ALA A 405 -29.70 37.43 -8.47
C ALA A 405 -30.02 38.88 -8.82
N VAL A 406 -30.99 39.09 -9.72
CA VAL A 406 -31.50 40.43 -10.07
C VAL A 406 -32.03 41.18 -8.83
N VAL A 407 -32.68 40.44 -7.91
CA VAL A 407 -33.13 41.03 -6.64
C VAL A 407 -31.93 41.62 -5.88
N THR A 408 -30.81 40.91 -5.86
CA THR A 408 -29.57 41.40 -5.23
C THR A 408 -29.05 42.67 -5.89
N LEU A 409 -29.00 42.66 -7.23
CA LEU A 409 -28.57 43.81 -8.03
C LEU A 409 -29.45 45.03 -7.78
N GLU A 410 -30.75 44.86 -7.96
CA GLU A 410 -31.73 45.93 -7.82
C GLU A 410 -31.76 46.56 -6.41
N ASN A 411 -31.41 45.79 -5.39
CA ASN A 411 -31.20 46.31 -4.04
C ASN A 411 -29.88 47.08 -3.87
N TRP A 412 -28.79 46.60 -4.49
CA TRP A 412 -27.55 47.38 -4.63
C TRP A 412 -27.78 48.65 -5.46
N GLN A 413 -28.58 48.50 -6.51
CA GLN A 413 -28.82 49.55 -7.49
C GLN A 413 -29.68 50.69 -6.96
N PHE A 414 -30.68 50.36 -6.15
CA PHE A 414 -31.46 51.36 -5.42
C PHE A 414 -30.62 52.05 -4.34
N GLU A 415 -29.87 51.27 -3.57
CA GLU A 415 -29.18 51.77 -2.37
C GLU A 415 -27.91 52.58 -2.65
N GLU A 416 -27.10 52.16 -3.64
CA GLU A 416 -25.80 52.79 -3.92
C GLU A 416 -25.68 53.34 -5.35
N TRP A 417 -25.77 52.45 -6.33
CA TRP A 417 -25.36 52.73 -7.71
C TRP A 417 -26.17 53.84 -8.38
N GLY A 418 -27.48 53.82 -8.19
CA GLY A 418 -28.37 54.83 -8.76
C GLY A 418 -28.54 54.68 -10.26
N SER A 419 -28.81 55.80 -10.92
CA SER A 419 -29.09 55.82 -12.37
C SER A 419 -27.91 55.42 -13.28
N GLN A 420 -26.68 55.49 -12.76
CA GLN A 420 -25.48 55.07 -13.52
C GLN A 420 -25.61 53.62 -14.00
N VAL A 421 -25.92 52.72 -13.08
CA VAL A 421 -26.22 51.32 -13.41
C VAL A 421 -27.69 51.16 -13.78
N THR A 422 -27.94 50.63 -14.97
CA THR A 422 -29.24 50.12 -15.40
C THR A 422 -29.19 48.59 -15.29
N VAL A 423 -30.04 48.02 -14.45
CA VAL A 423 -30.16 46.55 -14.36
C VAL A 423 -31.14 46.08 -15.42
N VAL A 424 -30.82 44.95 -16.05
CA VAL A 424 -31.62 44.38 -17.13
C VAL A 424 -31.83 42.89 -16.84
N SER A 425 -33.04 42.56 -16.40
CA SER A 425 -33.41 41.17 -16.12
C SER A 425 -33.81 40.50 -17.43
N SER A 426 -32.81 40.02 -18.17
CA SER A 426 -33.06 39.36 -19.46
C SER A 426 -31.90 38.46 -19.89
N ASP A 427 -32.19 37.57 -20.83
CA ASP A 427 -31.17 36.71 -21.45
C ASP A 427 -30.44 37.58 -22.47
N MET A 428 -29.11 37.58 -22.45
CA MET A 428 -28.31 38.45 -23.33
C MET A 428 -28.57 38.21 -24.83
N ARG A 429 -28.93 36.97 -25.16
CA ARG A 429 -29.29 36.57 -26.52
C ARG A 429 -30.66 37.06 -26.96
N GLU A 430 -31.56 37.27 -26.00
CA GLU A 430 -32.91 37.80 -26.24
C GLU A 430 -33.00 39.32 -26.21
N TRP A 431 -32.16 39.95 -25.38
CA TRP A 431 -32.25 41.39 -25.07
C TRP A 431 -32.14 42.31 -26.29
N VAL A 432 -33.21 43.06 -26.53
CA VAL A 432 -33.22 44.15 -27.52
C VAL A 432 -32.58 45.35 -26.84
N ALA A 433 -31.36 45.68 -27.23
CA ALA A 433 -30.58 46.73 -26.59
C ALA A 433 -31.05 48.12 -27.06
N PRO A 434 -31.07 49.12 -26.15
CA PRO A 434 -31.35 50.49 -26.59
C PRO A 434 -30.19 51.16 -27.36
N GLU A 435 -28.97 50.64 -27.18
CA GLU A 435 -27.78 51.20 -27.82
C GLU A 435 -26.64 50.19 -27.81
N LYS A 436 -25.68 50.39 -28.72
CA LYS A 436 -24.53 49.48 -28.84
C LYS A 436 -23.49 49.73 -27.76
N ALA A 437 -22.63 48.74 -27.56
CA ALA A 437 -21.62 48.76 -26.49
C ALA A 437 -20.21 49.05 -27.01
N ASP A 438 -19.48 49.84 -26.24
CA ASP A 438 -18.03 49.98 -26.40
C ASP A 438 -17.32 48.71 -25.90
N ILE A 439 -17.75 48.24 -24.72
CA ILE A 439 -17.14 47.07 -24.06
C ILE A 439 -18.23 46.14 -23.53
N ILE A 440 -18.15 44.85 -23.85
CA ILE A 440 -18.95 43.81 -23.19
C ILE A 440 -18.05 43.00 -22.25
N VAL A 441 -18.33 43.07 -20.95
CA VAL A 441 -17.60 42.31 -19.93
C VAL A 441 -18.43 41.09 -19.53
N SER A 442 -17.77 39.96 -19.27
CA SER A 442 -18.48 38.74 -18.85
C SER A 442 -17.55 37.75 -18.15
N GLU A 443 -18.14 36.86 -17.35
CA GLU A 443 -17.41 35.74 -16.72
C GLU A 443 -18.25 34.45 -16.81
N LEU A 444 -18.47 34.00 -18.04
CA LEU A 444 -19.28 32.79 -18.31
C LEU A 444 -18.38 31.57 -18.62
N LEU A 445 -17.28 31.46 -17.87
CA LEU A 445 -16.27 30.44 -18.16
C LEU A 445 -16.25 29.37 -17.07
N GLY A 446 -16.36 28.12 -17.50
CA GLY A 446 -16.25 26.97 -16.61
C GLY A 446 -14.81 26.51 -16.52
N SER A 447 -14.59 25.40 -15.80
CA SER A 447 -13.24 24.81 -15.68
C SER A 447 -12.63 24.36 -17.02
N PHE A 448 -13.49 24.06 -18.00
CA PHE A 448 -13.07 23.78 -19.38
C PHE A 448 -13.27 24.98 -20.31
N ALA A 449 -13.40 26.18 -19.73
CA ALA A 449 -13.62 27.45 -20.44
C ALA A 449 -14.99 27.59 -21.12
N ASP A 450 -15.22 26.78 -22.15
CA ASP A 450 -16.47 26.85 -22.93
C ASP A 450 -17.58 25.89 -22.46
N ASN A 451 -17.37 25.23 -21.33
CA ASN A 451 -18.37 24.29 -20.79
C ASN A 451 -19.67 24.91 -20.23
N GLU A 452 -19.70 26.23 -20.06
CA GLU A 452 -20.93 26.95 -19.67
C GLU A 452 -21.61 27.65 -20.86
N LEU A 453 -21.08 27.41 -22.06
CA LEU A 453 -21.63 27.91 -23.32
C LEU A 453 -21.52 29.44 -23.47
N SER A 454 -20.36 29.97 -23.09
CA SER A 454 -20.00 31.37 -23.34
C SER A 454 -19.93 31.69 -24.83
N PRO A 455 -19.37 30.75 -25.65
CA PRO A 455 -19.37 31.01 -27.10
C PRO A 455 -20.76 31.32 -27.67
N GLU A 456 -21.73 30.47 -27.36
CA GLU A 456 -23.11 30.65 -27.84
C GLU A 456 -23.78 31.90 -27.25
N CYS A 457 -23.54 32.16 -25.97
CA CYS A 457 -24.09 33.33 -25.28
C CYS A 457 -23.64 34.65 -25.92
N LEU A 458 -22.33 34.82 -26.07
CA LEU A 458 -21.76 36.04 -26.64
C LEU A 458 -22.02 36.24 -28.14
N ASP A 459 -22.22 35.14 -28.88
CA ASP A 459 -22.67 35.21 -30.28
C ASP A 459 -24.02 35.91 -30.41
N GLY A 460 -24.94 35.59 -29.51
CA GLY A 460 -26.25 36.23 -29.45
C GLY A 460 -26.19 37.69 -29.00
N ALA A 461 -25.25 38.00 -28.12
CA ALA A 461 -24.99 39.37 -27.66
C ALA A 461 -24.16 40.22 -28.63
N GLN A 462 -23.57 39.58 -29.65
CA GLN A 462 -22.65 40.24 -30.58
C GLN A 462 -23.30 41.35 -31.42
N HIS A 463 -24.58 41.20 -31.75
CA HIS A 463 -25.30 42.21 -32.54
C HIS A 463 -25.31 43.61 -31.91
N PHE A 464 -25.32 43.70 -30.58
CA PHE A 464 -25.30 44.99 -29.86
C PHE A 464 -23.91 45.47 -29.41
N LEU A 465 -22.85 44.84 -29.91
CA LEU A 465 -21.51 45.41 -29.82
C LEU A 465 -21.33 46.37 -30.99
N LYS A 466 -20.74 47.54 -30.72
CA LYS A 466 -20.29 48.46 -31.77
C LYS A 466 -19.34 47.73 -32.71
N ASP A 467 -19.25 48.18 -33.96
CA ASP A 467 -18.33 47.57 -34.95
C ASP A 467 -16.86 47.58 -34.52
N ASP A 468 -16.49 48.54 -33.67
CA ASP A 468 -15.13 48.63 -33.08
C ASP A 468 -15.07 48.21 -31.60
N GLY A 469 -16.07 47.48 -31.11
CA GLY A 469 -16.19 47.18 -29.69
C GLY A 469 -15.27 46.07 -29.22
N VAL A 470 -14.81 46.19 -27.97
CA VAL A 470 -14.01 45.15 -27.30
C VAL A 470 -14.98 44.21 -26.59
N SER A 471 -14.57 42.94 -26.45
CA SER A 471 -15.21 42.01 -25.51
C SER A 471 -14.17 41.56 -24.51
N ILE A 472 -14.48 41.71 -23.22
CA ILE A 472 -13.67 41.19 -22.12
C ILE A 472 -14.43 39.99 -21.53
N PRO A 473 -13.86 38.76 -21.61
CA PRO A 473 -12.59 38.37 -22.20
C PRO A 473 -12.61 38.34 -23.72
N GLY A 474 -11.48 38.70 -24.32
CA GLY A 474 -11.31 38.66 -25.77
C GLY A 474 -11.12 37.26 -26.33
N GLU A 475 -10.54 36.37 -25.52
CA GLU A 475 -10.18 35.02 -25.97
C GLU A 475 -10.13 34.06 -24.79
N TYR A 476 -10.44 32.80 -25.05
CA TYR A 476 -10.24 31.73 -24.07
C TYR A 476 -9.93 30.40 -24.76
N THR A 477 -9.05 29.61 -24.14
CA THR A 477 -8.59 28.33 -24.69
C THR A 477 -8.68 27.26 -23.60
N SER A 478 -9.14 26.06 -23.97
CA SER A 478 -9.21 24.91 -23.07
C SER A 478 -8.00 24.00 -23.30
N PHE A 479 -7.43 23.48 -22.21
CA PHE A 479 -6.30 22.55 -22.26
C PHE A 479 -6.70 21.17 -21.74
N LEU A 480 -5.91 20.16 -22.11
CA LEU A 480 -6.17 18.77 -21.77
C LEU A 480 -4.85 18.02 -21.51
N ALA A 481 -4.86 17.10 -20.55
CA ALA A 481 -3.70 16.27 -20.24
C ALA A 481 -4.14 14.88 -19.75
N PRO A 482 -3.55 13.80 -20.31
CA PRO A 482 -3.90 12.45 -19.87
C PRO A 482 -3.40 12.18 -18.46
N ILE A 483 -4.21 11.49 -17.66
CA ILE A 483 -3.85 11.17 -16.28
C ILE A 483 -4.00 9.69 -15.93
N SER A 484 -3.32 9.31 -14.84
CA SER A 484 -3.46 8.00 -14.23
C SER A 484 -3.88 8.17 -12.78
N SER A 485 -5.12 7.81 -12.48
CA SER A 485 -5.56 7.57 -11.11
C SER A 485 -6.56 6.42 -11.04
N SER A 486 -6.07 5.24 -10.66
CA SER A 486 -6.92 4.10 -10.30
C SER A 486 -7.89 4.40 -9.15
N LYS A 487 -7.55 5.38 -8.30
CA LYS A 487 -8.47 5.91 -7.29
C LYS A 487 -9.67 6.62 -7.91
N LEU A 488 -9.40 7.66 -8.70
CA LEU A 488 -10.46 8.46 -9.34
C LEU A 488 -11.25 7.66 -10.37
N TYR A 489 -10.62 6.65 -10.98
CA TYR A 489 -11.35 5.68 -11.81
C TYR A 489 -12.43 4.98 -10.97
N ASN A 490 -12.03 4.52 -9.79
CA ASN A 490 -12.94 3.85 -8.84
C ASN A 490 -14.09 4.75 -8.35
N GLU A 491 -13.80 6.03 -8.12
CA GLU A 491 -14.81 7.01 -7.67
C GLU A 491 -15.88 7.27 -8.74
N VAL A 492 -15.43 7.44 -9.98
CA VAL A 492 -16.33 7.51 -11.14
C VAL A 492 -17.16 6.23 -11.29
N ARG A 493 -16.51 5.08 -11.09
CA ARG A 493 -17.15 3.76 -11.17
C ARG A 493 -18.29 3.57 -10.15
N ALA A 494 -18.12 4.16 -8.98
CA ALA A 494 -19.13 4.14 -7.90
C ALA A 494 -20.36 5.03 -8.14
N CYS A 495 -20.31 5.90 -9.16
CA CYS A 495 -21.44 6.77 -9.52
C CYS A 495 -22.48 6.12 -10.46
N ARG A 496 -22.51 4.79 -10.53
CA ARG A 496 -23.57 4.07 -11.23
C ARG A 496 -24.89 4.26 -10.51
N GLU A 497 -25.90 4.70 -11.25
CA GLU A 497 -27.20 5.05 -10.68
C GLU A 497 -28.34 4.26 -11.31
N LYS A 498 -29.39 4.06 -10.51
CA LYS A 498 -30.66 3.49 -10.97
C LYS A 498 -31.22 4.25 -12.16
N ASP A 499 -32.02 3.56 -12.97
CA ASP A 499 -32.84 4.20 -14.02
C ASP A 499 -32.04 4.96 -15.09
N ARG A 500 -30.86 4.45 -15.42
CA ARG A 500 -30.04 4.99 -16.51
C ARG A 500 -29.01 3.99 -17.02
N ASP A 501 -28.34 4.35 -18.10
CA ASP A 501 -27.24 3.54 -18.67
C ASP A 501 -26.24 3.22 -17.55
N PRO A 502 -25.92 1.91 -17.37
CA PRO A 502 -24.98 1.54 -16.30
C PRO A 502 -23.51 1.96 -16.50
N GLU A 503 -23.16 2.54 -17.66
CA GLU A 503 -21.84 3.18 -17.87
C GLU A 503 -21.94 4.69 -18.16
N ALA A 504 -23.11 5.30 -17.92
CA ALA A 504 -23.33 6.74 -18.14
C ALA A 504 -22.35 7.61 -17.36
N GLN A 505 -22.08 7.20 -16.13
CA GLN A 505 -21.11 7.86 -15.24
C GLN A 505 -19.70 8.07 -15.83
N PHE A 506 -19.27 7.18 -16.72
CA PHE A 506 -18.00 7.35 -17.45
C PHE A 506 -18.06 8.28 -18.68
N GLU A 507 -19.26 8.65 -19.11
CA GLU A 507 -19.46 9.49 -20.29
C GLU A 507 -19.93 10.90 -19.91
N MET A 508 -19.29 11.48 -18.90
CA MET A 508 -19.63 12.83 -18.44
C MET A 508 -18.46 13.45 -17.65
N PRO A 509 -18.26 14.77 -17.80
CA PRO A 509 -17.18 15.43 -17.07
C PRO A 509 -17.49 15.66 -15.60
N TYR A 510 -16.45 15.76 -14.79
CA TYR A 510 -16.57 16.07 -13.36
C TYR A 510 -15.58 17.15 -12.95
N VAL A 511 -16.06 18.16 -12.23
CA VAL A 511 -15.19 19.10 -11.54
C VAL A 511 -14.71 18.41 -10.27
N VAL A 512 -13.41 18.50 -10.04
CA VAL A 512 -12.76 17.76 -8.94
C VAL A 512 -11.37 18.35 -8.73
N ARG A 513 -11.02 18.62 -7.47
CA ARG A 513 -9.64 18.97 -7.12
C ARG A 513 -8.83 17.67 -7.18
N LEU A 514 -8.29 17.40 -8.37
CA LEU A 514 -7.44 16.22 -8.63
C LEU A 514 -6.27 16.25 -7.64
N HIS A 515 -6.04 15.14 -6.94
CA HIS A 515 -5.09 15.10 -5.81
C HIS A 515 -4.16 13.89 -5.87
N ASN A 516 -4.72 12.69 -5.69
CA ASN A 516 -3.96 11.46 -5.91
C ASN A 516 -4.10 11.03 -7.36
N PHE A 517 -3.14 11.45 -8.16
CA PHE A 517 -3.14 11.19 -9.60
C PHE A 517 -1.75 11.42 -10.17
N HIS A 518 -1.61 11.13 -11.45
CA HIS A 518 -0.34 11.21 -12.16
C HIS A 518 -0.57 11.88 -13.49
N GLN A 519 0.04 13.05 -13.70
CA GLN A 519 -0.02 13.72 -14.99
C GLN A 519 0.97 13.04 -15.93
N LEU A 520 0.45 12.43 -16.99
CA LEU A 520 1.21 11.57 -17.88
C LEU A 520 1.89 12.30 -19.04
N SER A 521 1.52 13.57 -19.25
CA SER A 521 2.06 14.38 -20.33
C SER A 521 1.67 15.84 -20.09
N ALA A 522 2.46 16.76 -20.65
CA ALA A 522 2.20 18.20 -20.47
C ALA A 522 0.89 18.58 -21.16
N PRO A 523 0.08 19.46 -20.52
CA PRO A 523 -1.17 19.92 -21.16
C PRO A 523 -0.94 20.58 -22.51
N GLN A 524 -1.74 20.18 -23.49
CA GLN A 524 -1.78 20.81 -24.82
C GLN A 524 -3.16 21.42 -25.03
N PRO A 525 -3.27 22.49 -25.84
CA PRO A 525 -4.55 23.18 -26.00
C PRO A 525 -5.54 22.38 -26.85
N CYS A 526 -6.82 22.53 -26.53
CA CYS A 526 -7.90 21.74 -27.14
C CYS A 526 -8.81 22.61 -28.02
N PHE A 527 -9.64 23.45 -27.40
CA PHE A 527 -10.58 24.33 -28.12
C PHE A 527 -10.32 25.78 -27.78
N THR A 528 -10.50 26.66 -28.77
CA THR A 528 -10.27 28.10 -28.64
C THR A 528 -11.45 28.87 -29.24
N PHE A 529 -11.83 29.96 -28.58
CA PHE A 529 -12.83 30.91 -29.09
C PHE A 529 -12.34 32.33 -28.85
N SER A 530 -12.67 33.22 -29.79
CA SER A 530 -12.34 34.65 -29.70
C SER A 530 -13.63 35.46 -29.79
N HIS A 531 -13.68 36.56 -29.04
CA HIS A 531 -14.82 37.48 -29.02
C HIS A 531 -14.35 38.93 -29.18
N PRO A 532 -14.92 39.68 -30.14
CA PRO A 532 -16.00 39.28 -31.07
C PRO A 532 -15.53 38.32 -32.16
N ASN A 533 -16.42 37.38 -32.52
CA ASN A 533 -16.21 36.41 -33.58
C ASN A 533 -16.47 37.04 -34.96
N ARG A 534 -15.50 37.81 -35.44
CA ARG A 534 -15.53 38.42 -36.77
C ARG A 534 -15.40 37.32 -37.82
N ASP A 535 -16.55 36.88 -38.35
CA ASP A 535 -16.63 35.68 -39.20
C ASP A 535 -17.98 35.63 -39.94
N PRO A 536 -18.03 35.04 -41.16
CA PRO A 536 -19.32 34.93 -41.86
C PRO A 536 -20.19 33.80 -41.31
N MET A 537 -19.75 32.56 -41.48
CA MET A 537 -20.51 31.37 -41.07
C MET A 537 -20.01 30.92 -39.70
N ILE A 538 -20.60 31.50 -38.66
CA ILE A 538 -20.21 31.21 -37.28
C ILE A 538 -20.66 29.79 -36.94
N ASP A 539 -19.70 28.91 -36.70
CA ASP A 539 -19.96 27.55 -36.27
C ASP A 539 -19.05 27.27 -35.08
N ASN A 540 -19.66 26.94 -33.95
CA ASN A 540 -18.97 26.74 -32.66
C ASN A 540 -18.58 25.28 -32.36
N ASN A 541 -19.06 24.35 -33.19
CA ASN A 541 -18.66 22.95 -33.10
C ASN A 541 -17.19 22.79 -33.46
N ARG A 542 -16.57 21.76 -32.89
CA ARG A 542 -15.15 21.54 -33.03
C ARG A 542 -14.82 20.04 -33.16
N TYR A 543 -13.59 19.77 -33.59
CA TYR A 543 -13.01 18.43 -33.61
C TYR A 543 -11.49 18.60 -33.58
N CYS A 544 -10.89 18.21 -32.46
CA CYS A 544 -9.46 18.40 -32.21
C CYS A 544 -8.80 17.05 -31.91
N THR A 545 -7.65 16.80 -32.55
CA THR A 545 -6.83 15.61 -32.28
C THR A 545 -5.53 16.03 -31.59
N LEU A 546 -5.24 15.39 -30.46
CA LEU A 546 -4.01 15.62 -29.71
C LEU A 546 -3.18 14.34 -29.62
N GLU A 547 -1.86 14.49 -29.64
CA GLU A 547 -0.91 13.40 -29.42
C GLU A 547 0.00 13.72 -28.24
N PHE A 548 -0.13 12.92 -27.18
CA PHE A 548 0.59 13.11 -25.92
C PHE A 548 1.78 12.13 -25.82
N PRO A 549 3.03 12.65 -25.81
CA PRO A 549 4.17 11.75 -25.63
C PRO A 549 4.30 11.30 -24.17
N VAL A 550 4.25 9.98 -23.96
CA VAL A 550 4.31 9.38 -22.62
C VAL A 550 5.64 8.65 -22.43
N GLU A 551 6.36 9.05 -21.38
CA GLU A 551 7.69 8.52 -21.06
C GLU A 551 7.69 7.41 -20.02
N VAL A 552 6.55 7.15 -19.39
CA VAL A 552 6.44 6.16 -18.29
C VAL A 552 5.56 4.97 -18.66
N ASN A 553 5.72 3.89 -17.90
CA ASN A 553 4.77 2.79 -17.88
C ASN A 553 3.65 3.21 -16.93
N THR A 554 2.40 3.11 -17.38
CA THR A 554 1.27 3.63 -16.59
C THR A 554 -0.08 3.06 -17.05
N VAL A 555 -1.14 3.52 -16.40
CA VAL A 555 -2.52 3.19 -16.76
C VAL A 555 -3.35 4.48 -16.89
N LEU A 556 -3.79 4.76 -18.10
CA LEU A 556 -4.65 5.92 -18.39
C LEU A 556 -6.06 5.65 -17.87
N HIS A 557 -6.59 6.57 -17.07
CA HIS A 557 -8.00 6.53 -16.60
C HIS A 557 -8.87 7.72 -17.02
N GLY A 558 -8.24 8.81 -17.46
CA GLY A 558 -8.99 9.96 -17.95
C GLY A 558 -8.09 11.08 -18.43
N PHE A 559 -8.70 12.23 -18.65
CA PHE A 559 -8.02 13.45 -19.09
C PHE A 559 -8.44 14.63 -18.23
N ALA A 560 -7.48 15.23 -17.54
CA ALA A 560 -7.71 16.48 -16.80
C ALA A 560 -7.96 17.61 -17.80
N GLY A 561 -8.84 18.52 -17.41
CA GLY A 561 -9.14 19.70 -18.23
C GLY A 561 -8.88 20.95 -17.42
N TYR A 562 -8.22 21.91 -18.07
CA TYR A 562 -7.96 23.22 -17.51
C TYR A 562 -8.34 24.23 -18.58
N PHE A 563 -8.08 25.51 -18.31
CA PHE A 563 -8.35 26.56 -19.27
C PHE A 563 -7.48 27.80 -19.04
N GLU A 564 -7.49 28.69 -20.03
CA GLU A 564 -6.80 29.98 -19.97
C GLU A 564 -7.66 30.99 -20.72
N THR A 565 -7.71 32.22 -20.22
CA THR A 565 -8.45 33.30 -20.89
C THR A 565 -7.67 34.61 -20.90
N VAL A 566 -7.76 35.33 -22.02
CA VAL A 566 -7.17 36.66 -22.17
C VAL A 566 -8.30 37.66 -21.94
N LEU A 567 -8.30 38.32 -20.78
CA LEU A 567 -9.33 39.33 -20.48
C LEU A 567 -9.14 40.52 -21.42
N TYR A 568 -7.94 41.06 -21.42
CA TYR A 568 -7.57 42.19 -22.29
C TYR A 568 -6.04 42.33 -22.35
N GLN A 569 -5.47 42.20 -23.55
CA GLN A 569 -4.01 42.34 -23.75
C GLN A 569 -3.20 41.35 -22.90
N ASP A 570 -2.26 41.85 -22.09
CA ASP A 570 -1.41 41.01 -21.22
C ASP A 570 -2.12 40.52 -19.96
N ILE A 571 -3.32 41.04 -19.66
CA ILE A 571 -4.07 40.60 -18.48
C ILE A 571 -4.70 39.25 -18.77
N THR A 572 -4.41 38.25 -17.93
CA THR A 572 -4.87 36.86 -18.13
C THR A 572 -5.44 36.26 -16.86
N LEU A 573 -6.32 35.28 -17.05
CA LEU A 573 -6.67 34.32 -16.00
C LEU A 573 -6.43 32.90 -16.51
N SER A 574 -5.98 32.03 -15.60
CA SER A 574 -5.53 30.70 -15.93
C SER A 574 -5.63 29.78 -14.71
N ILE A 575 -6.15 28.58 -14.93
CA ILE A 575 -6.01 27.47 -13.97
C ILE A 575 -5.10 26.35 -14.50
N ARG A 576 -4.48 26.57 -15.65
CA ARG A 576 -3.47 25.66 -16.19
C ARG A 576 -2.33 25.59 -15.17
N PRO A 577 -2.01 24.39 -14.65
CA PRO A 577 -1.10 24.29 -13.49
C PRO A 577 0.21 25.06 -13.62
N GLU A 578 0.84 24.94 -14.79
CA GLU A 578 2.12 25.59 -15.06
C GLU A 578 2.04 27.13 -15.17
N THR A 579 0.91 27.65 -15.63
CA THR A 579 0.68 29.10 -15.77
C THR A 579 -0.45 29.62 -14.85
N HIS A 580 -0.64 28.97 -13.70
CA HIS A 580 -1.82 29.19 -12.85
C HIS A 580 -1.84 30.61 -12.29
N SER A 581 -2.99 31.27 -12.38
CA SER A 581 -3.17 32.62 -11.81
C SER A 581 -3.12 32.54 -10.29
N PRO A 582 -2.46 33.53 -9.64
CA PRO A 582 -2.04 33.34 -8.24
C PRO A 582 -3.19 33.36 -7.23
N GLY A 583 -3.25 32.32 -6.41
CA GLY A 583 -4.28 32.18 -5.36
C GLY A 583 -5.72 32.28 -5.86
N MET A 584 -6.06 31.47 -6.86
CA MET A 584 -7.40 31.46 -7.47
C MET A 584 -8.07 30.10 -7.26
N PHE A 585 -8.60 29.94 -6.05
CA PHE A 585 -9.21 28.67 -5.57
C PHE A 585 -10.62 28.41 -6.08
N SER A 586 -11.29 29.44 -6.61
CA SER A 586 -12.66 29.34 -7.13
C SER A 586 -12.85 28.20 -8.13
N TRP A 587 -11.97 28.15 -9.13
CA TRP A 587 -12.00 27.11 -10.18
C TRP A 587 -11.16 25.89 -9.79
N PHE A 588 -11.74 24.69 -9.94
CA PHE A 588 -11.01 23.42 -9.85
C PHE A 588 -10.92 22.78 -11.23
N PRO A 589 -9.97 21.83 -11.44
CA PRO A 589 -9.91 21.17 -12.75
C PRO A 589 -11.12 20.28 -13.05
N ILE A 590 -11.30 19.99 -14.34
CA ILE A 590 -12.39 19.12 -14.82
C ILE A 590 -11.77 17.79 -15.22
N LEU A 591 -12.57 16.72 -15.22
CA LEU A 591 -12.11 15.36 -15.54
C LEU A 591 -13.03 14.69 -16.55
N PHE A 592 -12.46 14.26 -17.68
CA PHE A 592 -13.14 13.42 -18.65
C PHE A 592 -12.67 11.97 -18.47
N PRO A 593 -13.45 11.15 -17.75
CA PRO A 593 -13.03 9.75 -17.56
C PRO A 593 -13.22 8.91 -18.81
N ILE A 594 -12.52 7.77 -18.83
CA ILE A 594 -12.79 6.70 -19.80
C ILE A 594 -13.32 5.47 -19.07
N LYS A 595 -13.95 4.61 -19.84
CA LYS A 595 -14.78 3.50 -19.34
C LYS A 595 -13.85 2.38 -18.91
N GLN A 596 -12.92 2.07 -19.81
CA GLN A 596 -11.94 1.03 -19.64
C GLN A 596 -10.54 1.65 -19.60
N PRO A 597 -9.79 1.43 -18.49
CA PRO A 597 -8.41 1.91 -18.40
C PRO A 597 -7.51 1.31 -19.47
N ILE A 598 -6.54 2.10 -19.95
CA ILE A 598 -5.64 1.68 -21.03
C ILE A 598 -4.19 1.61 -20.53
N THR A 599 -3.58 0.44 -20.74
CA THR A 599 -2.14 0.24 -20.57
C THR A 599 -1.37 1.15 -21.52
N VAL A 600 -0.46 1.95 -20.97
CA VAL A 600 0.43 2.78 -21.78
C VAL A 600 1.88 2.51 -21.37
N ARG A 601 2.63 1.90 -22.28
CA ARG A 601 4.06 1.66 -22.10
C ARG A 601 4.86 2.96 -22.25
N GLU A 602 5.99 3.01 -21.54
CA GLU A 602 7.05 4.02 -21.74
C GLU A 602 7.41 4.14 -23.23
N GLY A 603 7.40 5.38 -23.73
CA GLY A 603 7.70 5.67 -25.13
C GLY A 603 6.50 5.73 -26.06
N GLN A 604 5.36 5.19 -25.64
CA GLN A 604 4.15 5.21 -26.46
C GLN A 604 3.48 6.58 -26.40
N THR A 605 2.58 6.81 -27.35
CA THR A 605 1.87 8.07 -27.53
C THR A 605 0.40 7.84 -27.20
N ILE A 606 -0.15 8.62 -26.28
CA ILE A 606 -1.60 8.66 -26.07
C ILE A 606 -2.17 9.67 -27.06
N CYS A 607 -3.02 9.19 -27.97
CA CYS A 607 -3.71 10.04 -28.93
C CYS A 607 -5.19 10.12 -28.57
N VAL A 608 -5.61 11.31 -28.13
CA VAL A 608 -7.03 11.54 -27.80
C VAL A 608 -7.72 12.45 -28.82
N ARG A 609 -9.00 12.19 -29.00
CA ARG A 609 -9.88 12.96 -29.88
C ARG A 609 -10.90 13.64 -29.01
N PHE A 610 -11.21 14.89 -29.32
CA PHE A 610 -12.31 15.61 -28.65
C PHE A 610 -13.16 16.34 -29.67
N TRP A 611 -14.47 16.14 -29.58
CA TRP A 611 -15.46 16.89 -30.34
C TRP A 611 -16.24 17.80 -29.41
N ARG A 612 -16.54 19.00 -29.90
CA ARG A 612 -17.60 19.84 -29.35
C ARG A 612 -18.76 19.81 -30.33
N CYS A 613 -19.96 19.57 -29.83
CA CYS A 613 -21.14 19.34 -30.66
C CYS A 613 -22.30 20.15 -30.15
N SER A 614 -23.30 20.32 -31.02
CA SER A 614 -24.48 21.11 -30.69
C SER A 614 -25.62 20.88 -31.67
N ASN A 615 -26.84 20.87 -31.12
CA ASN A 615 -28.07 21.11 -31.90
C ASN A 615 -28.66 22.44 -31.43
N SER A 616 -29.88 22.77 -31.86
CA SER A 616 -30.56 24.00 -31.42
C SER A 616 -30.77 24.09 -29.90
N LYS A 617 -30.99 22.94 -29.27
CA LYS A 617 -31.39 22.84 -27.86
C LYS A 617 -30.27 22.55 -26.86
N LYS A 618 -29.23 21.83 -27.27
CA LYS A 618 -28.16 21.39 -26.36
C LYS A 618 -26.78 21.30 -26.99
N VAL A 619 -25.76 21.43 -26.13
CA VAL A 619 -24.33 21.39 -26.49
C VAL A 619 -23.65 20.31 -25.66
N TRP A 620 -22.67 19.62 -26.24
CA TRP A 620 -21.96 18.55 -25.51
C TRP A 620 -20.59 18.21 -26.08
N TYR A 621 -19.82 17.49 -25.26
CA TYR A 621 -18.53 16.93 -25.68
C TYR A 621 -18.63 15.43 -25.92
N GLU A 622 -18.04 14.99 -27.03
CA GLU A 622 -17.74 13.58 -27.27
C GLU A 622 -16.23 13.42 -27.25
N TRP A 623 -15.75 12.23 -26.91
CA TRP A 623 -14.30 11.96 -26.92
C TRP A 623 -13.96 10.49 -27.10
N ALA A 624 -12.70 10.25 -27.45
CA ALA A 624 -12.19 8.91 -27.72
C ALA A 624 -10.67 8.91 -27.76
N VAL A 625 -10.09 7.88 -27.15
CA VAL A 625 -8.67 7.58 -27.24
C VAL A 625 -8.50 6.68 -28.47
N THR A 626 -7.60 7.05 -29.38
CA THR A 626 -7.31 6.26 -30.60
C THR A 626 -5.99 5.50 -30.58
N ALA A 627 -5.05 5.92 -29.72
CA ALA A 627 -3.77 5.23 -29.53
C ALA A 627 -3.36 5.32 -28.06
N PRO A 628 -2.60 4.31 -27.55
CA PRO A 628 -2.11 3.10 -28.22
C PRO A 628 -3.17 2.03 -28.58
N VAL A 629 -4.37 2.15 -28.00
CA VAL A 629 -5.54 1.37 -28.44
C VAL A 629 -6.78 2.25 -28.47
N CYS A 630 -7.77 1.83 -29.26
CA CYS A 630 -9.01 2.60 -29.42
C CYS A 630 -9.97 2.33 -28.27
N SER A 631 -10.51 3.42 -27.71
CA SER A 631 -11.67 3.37 -26.84
C SER A 631 -12.92 3.45 -27.71
N ALA A 632 -14.08 3.30 -27.09
CA ALA A 632 -15.34 3.63 -27.74
C ALA A 632 -15.44 5.15 -27.79
N ILE A 633 -16.32 5.67 -28.64
CA ILE A 633 -16.62 7.10 -28.62
C ILE A 633 -17.49 7.33 -27.39
N HIS A 634 -17.04 8.22 -26.52
CA HIS A 634 -17.72 8.53 -25.28
C HIS A 634 -18.73 9.65 -25.45
N ASN A 635 -19.89 9.48 -24.83
CA ASN A 635 -21.02 10.42 -24.86
C ASN A 635 -21.51 10.77 -26.28
N PRO A 636 -21.69 9.74 -27.15
CA PRO A 636 -22.16 10.01 -28.51
C PRO A 636 -23.56 10.59 -28.52
N THR A 637 -23.74 11.69 -29.25
CA THR A 637 -25.02 12.39 -29.39
C THR A 637 -25.55 12.92 -28.03
N GLY A 638 -24.62 13.22 -27.12
CA GLY A 638 -24.93 13.68 -25.77
C GLY A 638 -25.87 12.77 -24.98
N ARG A 639 -25.74 11.46 -25.18
CA ARG A 639 -26.68 10.49 -24.59
C ARG A 639 -26.64 10.47 -23.06
N SER A 640 -25.44 10.61 -22.50
CA SER A 640 -25.22 10.61 -21.04
C SER A 640 -24.97 12.00 -20.44
N TYR A 641 -24.55 12.97 -21.27
CA TYR A 641 -24.24 14.31 -20.80
C TYR A 641 -24.49 15.36 -21.87
N THR A 642 -25.16 16.44 -21.47
CA THR A 642 -25.34 17.61 -22.32
C THR A 642 -25.24 18.88 -21.49
N ILE A 643 -25.06 19.99 -22.20
CA ILE A 643 -24.99 21.31 -21.61
C ILE A 643 -26.18 22.07 -22.20
N GLY A 644 -27.06 22.55 -21.32
CA GLY A 644 -28.32 23.14 -21.73
C GLY A 644 -28.15 24.55 -22.28
N LEU A 645 -28.54 24.74 -23.54
CA LEU A 645 -28.67 26.07 -24.13
C LEU A 645 -29.90 26.80 -23.59
N ALA B 33 3.52 -23.67 37.10
CA ALA B 33 2.87 -25.00 37.32
C ALA B 33 2.76 -25.82 36.03
N CYS B 34 1.95 -25.33 35.10
CA CYS B 34 1.60 -26.07 33.88
C CYS B 34 2.56 -25.81 32.72
N MET B 35 2.86 -26.88 31.98
CA MET B 35 3.70 -26.84 30.80
C MET B 35 2.75 -26.69 29.61
N GLU B 36 3.19 -25.92 28.63
CA GLU B 36 2.33 -25.50 27.52
C GLU B 36 2.08 -26.66 26.53
N ARG B 37 0.83 -26.78 26.08
CA ARG B 37 0.34 -27.90 25.22
C ARG B 37 1.28 -28.27 24.05
N GLN B 38 1.79 -27.27 23.35
CA GLN B 38 2.54 -27.48 22.10
C GLN B 38 4.05 -27.66 22.33
N LEU B 39 4.49 -28.92 22.33
CA LEU B 39 5.91 -29.27 22.49
C LEU B 39 6.63 -29.11 21.16
N GLU B 40 7.63 -28.23 21.13
CA GLU B 40 8.35 -27.87 19.90
C GLU B 40 9.66 -28.63 19.75
N ALA B 41 10.51 -28.54 20.78
CA ALA B 41 11.87 -29.10 20.74
C ALA B 41 12.09 -30.15 21.82
N ALA B 42 12.98 -31.08 21.51
CA ALA B 42 13.42 -32.13 22.44
C ALA B 42 14.81 -32.60 22.01
N ARG B 43 15.78 -32.48 22.92
CA ARG B 43 17.19 -32.86 22.65
C ARG B 43 17.83 -33.50 23.88
N TYR B 44 18.50 -34.63 23.69
CA TYR B 44 19.33 -35.26 24.74
C TYR B 44 20.71 -34.61 24.79
N ARG B 45 21.20 -34.31 25.99
CA ARG B 45 22.61 -33.94 26.20
C ARG B 45 23.45 -35.21 26.45
N SER B 46 24.76 -35.03 26.55
CA SER B 46 25.73 -36.14 26.62
C SER B 46 25.41 -37.22 27.65
N ASP B 47 25.04 -36.82 28.86
CA ASP B 47 24.74 -37.77 29.95
C ASP B 47 23.41 -38.54 29.79
N GLY B 48 22.46 -37.96 29.06
CA GLY B 48 21.14 -38.57 28.81
C GLY B 48 19.92 -37.87 29.42
N ALA B 49 20.13 -36.70 30.02
CA ALA B 49 19.04 -35.85 30.48
C ALA B 49 18.35 -35.20 29.28
N LEU B 50 17.04 -34.99 29.38
CA LEU B 50 16.21 -34.53 28.26
C LEU B 50 15.80 -33.07 28.42
N LEU B 51 16.15 -32.25 27.41
CA LEU B 51 15.70 -30.86 27.32
C LEU B 51 14.38 -30.80 26.54
N LEU B 52 13.37 -30.14 27.11
CA LEU B 52 12.10 -29.88 26.41
C LEU B 52 11.81 -28.38 26.32
N GLY B 53 11.62 -27.92 25.09
CA GLY B 53 11.09 -26.59 24.79
C GLY B 53 9.65 -26.69 24.33
N ALA B 54 8.87 -25.67 24.64
CA ALA B 54 7.43 -25.66 24.36
C ALA B 54 6.89 -24.24 24.34
N SER B 55 5.69 -24.09 23.78
CA SER B 55 5.02 -22.79 23.71
C SER B 55 3.51 -22.96 23.64
N SER B 56 2.80 -21.87 23.97
CA SER B 56 1.34 -21.84 23.84
C SER B 56 1.05 -21.26 22.47
N LEU B 57 0.46 -22.06 21.60
CA LEU B 57 0.07 -21.60 20.28
C LEU B 57 -1.42 -21.27 20.20
N SER B 58 -2.07 -21.22 21.35
CA SER B 58 -3.47 -20.82 21.46
C SER B 58 -3.79 -20.45 22.91
N GLY B 59 -5.02 -20.02 23.14
CA GLY B 59 -5.49 -19.60 24.46
C GLY B 59 -5.11 -18.16 24.77
N ARG B 60 -5.47 -17.72 25.97
CA ARG B 60 -5.26 -16.33 26.43
C ARG B 60 -3.82 -15.83 26.25
N CYS B 61 -2.87 -16.68 26.61
CA CYS B 61 -1.47 -16.30 26.76
C CYS B 61 -0.56 -17.11 25.83
N TRP B 62 0.15 -16.41 24.95
CA TRP B 62 1.10 -17.02 24.00
C TRP B 62 2.54 -16.80 24.48
N ALA B 63 2.98 -17.69 25.37
CA ALA B 63 4.34 -17.67 25.91
C ALA B 63 4.98 -19.04 25.77
N GLY B 64 6.29 -19.10 26.01
CA GLY B 64 7.07 -20.33 25.89
C GLY B 64 7.70 -20.76 27.19
N SER B 65 8.39 -21.90 27.15
CA SER B 65 9.06 -22.44 28.33
C SER B 65 10.19 -23.41 27.99
N LEU B 66 11.08 -23.59 28.96
CA LEU B 66 12.24 -24.48 28.87
C LEU B 66 12.22 -25.38 30.10
N TRP B 67 12.56 -26.66 29.90
CA TRP B 67 12.37 -27.71 30.91
C TRP B 67 13.45 -28.78 30.80
N LEU B 68 14.14 -29.08 31.91
CA LEU B 68 15.09 -30.19 31.97
C LEU B 68 14.49 -31.36 32.75
N PHE B 69 14.55 -32.55 32.14
CA PHE B 69 14.09 -33.81 32.75
C PHE B 69 15.26 -34.79 32.88
N LYS B 70 15.67 -35.06 34.13
CA LYS B 70 16.75 -36.02 34.42
C LYS B 70 16.27 -37.47 34.40
N ASP B 71 14.97 -37.67 34.61
CA ASP B 71 14.27 -38.90 34.22
C ASP B 71 13.50 -38.60 32.93
N PRO B 72 13.99 -39.09 31.77
CA PRO B 72 13.27 -38.98 30.49
C PRO B 72 11.87 -39.61 30.45
N CYS B 73 11.74 -40.81 31.02
CA CYS B 73 10.44 -41.49 31.14
C CYS B 73 9.38 -40.72 31.95
N ALA B 74 9.83 -39.78 32.80
CA ALA B 74 8.94 -38.90 33.57
C ALA B 74 8.29 -37.77 32.76
N ALA B 75 8.93 -37.33 31.67
CA ALA B 75 8.36 -36.30 30.79
C ALA B 75 7.09 -36.81 30.12
N PRO B 76 6.08 -35.93 29.90
CA PRO B 76 6.07 -34.48 30.09
C PRO B 76 5.66 -33.93 31.48
N ASN B 77 5.36 -34.79 32.44
CA ASN B 77 4.81 -34.36 33.75
C ASN B 77 5.63 -33.28 34.47
N GLU B 78 5.00 -32.14 34.73
CA GLU B 78 5.70 -30.93 35.24
C GLU B 78 6.22 -31.10 36.66
N GLY B 79 5.43 -31.75 37.52
CA GLY B 79 5.79 -31.99 38.91
C GLY B 79 7.05 -32.82 39.10
N PHE B 80 7.27 -33.76 38.18
CA PHE B 80 8.46 -34.62 38.18
C PHE B 80 9.50 -34.16 37.15
N CYS B 81 10.01 -32.95 37.36
CA CYS B 81 11.10 -32.40 36.55
C CYS B 81 12.24 -31.90 37.44
N SER B 82 13.43 -31.81 36.85
CA SER B 82 14.65 -31.37 37.54
C SER B 82 14.75 -29.85 37.58
N ALA B 83 14.32 -29.21 36.50
CA ALA B 83 14.40 -27.76 36.33
C ALA B 83 13.37 -27.28 35.31
N GLY B 84 12.91 -26.04 35.50
CA GLY B 84 11.92 -25.44 34.61
C GLY B 84 11.92 -23.92 34.69
N VAL B 85 11.48 -23.27 33.61
CA VAL B 85 11.39 -21.81 33.55
C VAL B 85 10.39 -21.34 32.50
N GLN B 86 9.80 -20.17 32.75
CA GLN B 86 8.90 -19.49 31.82
C GLN B 86 9.68 -18.43 31.02
N THR B 87 9.57 -18.50 29.70
CA THR B 87 10.00 -17.40 28.81
C THR B 87 8.79 -16.52 28.50
N GLU B 88 9.05 -15.24 28.20
CA GLU B 88 7.98 -14.26 27.94
C GLU B 88 7.16 -14.55 26.66
N ALA B 89 7.83 -15.13 25.66
CA ALA B 89 7.24 -15.42 24.35
C ALA B 89 7.47 -16.88 23.98
N GLY B 90 6.95 -17.29 22.82
CA GLY B 90 7.05 -18.67 22.34
C GLY B 90 8.46 -19.18 22.08
N VAL B 91 8.54 -20.41 21.61
CA VAL B 91 9.79 -21.14 21.38
C VAL B 91 9.63 -21.88 20.05
N ALA B 92 10.27 -21.33 19.02
CA ALA B 92 10.20 -21.86 17.66
C ALA B 92 11.23 -22.97 17.42
N ASP B 93 12.42 -22.79 18.01
CA ASP B 93 13.49 -23.79 17.99
C ASP B 93 14.46 -23.53 19.13
N LEU B 94 15.22 -24.56 19.50
CA LEU B 94 16.34 -24.41 20.43
C LEU B 94 17.40 -25.46 20.15
N THR B 95 18.51 -25.36 20.88
CA THR B 95 19.51 -26.42 20.91
C THR B 95 20.36 -26.34 22.18
N TRP B 96 21.04 -27.43 22.48
CA TRP B 96 22.07 -27.45 23.53
C TRP B 96 23.29 -26.65 23.07
N VAL B 97 23.97 -26.04 24.04
CA VAL B 97 25.25 -25.36 23.83
C VAL B 97 26.18 -25.92 24.90
N GLY B 98 26.82 -27.04 24.59
CA GLY B 98 27.60 -27.79 25.56
C GLY B 98 26.70 -28.57 26.48
N GLU B 99 27.02 -28.56 27.77
CA GLU B 99 26.31 -29.37 28.78
C GLU B 99 25.27 -28.62 29.61
N ARG B 100 25.44 -27.30 29.78
CA ARG B 100 24.50 -26.49 30.58
C ARG B 100 23.96 -25.22 29.90
N GLY B 101 24.14 -25.12 28.58
CA GLY B 101 23.75 -23.93 27.82
C GLY B 101 22.59 -24.21 26.89
N ILE B 102 21.56 -23.37 26.93
CA ILE B 102 20.35 -23.56 26.13
C ILE B 102 20.10 -22.31 25.27
N LEU B 103 20.36 -22.45 23.96
CA LEU B 103 20.17 -21.38 22.99
C LEU B 103 18.77 -21.50 22.41
N VAL B 104 18.02 -20.39 22.42
CA VAL B 104 16.58 -20.41 22.12
C VAL B 104 16.21 -19.42 21.01
N ALA B 105 15.28 -19.83 20.15
CA ALA B 105 14.77 -19.01 19.04
C ALA B 105 13.30 -18.65 19.30
N SER B 106 13.07 -17.39 19.71
CA SER B 106 11.72 -16.95 20.15
C SER B 106 10.94 -16.17 19.08
N ASP B 107 9.65 -16.03 19.33
CA ASP B 107 8.75 -15.23 18.48
C ASP B 107 9.04 -13.74 18.57
N SER B 108 9.57 -13.30 19.72
CA SER B 108 9.88 -11.89 19.97
C SER B 108 10.86 -11.23 18.98
N GLY B 109 11.68 -12.04 18.31
CA GLY B 109 12.75 -11.56 17.43
C GLY B 109 14.12 -11.64 18.09
N ALA B 110 14.15 -12.10 19.35
CA ALA B 110 15.39 -12.26 20.10
C ALA B 110 15.91 -13.68 20.01
N VAL B 111 17.23 -13.79 19.94
CA VAL B 111 17.92 -15.04 20.25
C VAL B 111 18.31 -14.95 21.73
N GLU B 112 17.97 -15.98 22.49
CA GLU B 112 18.21 -16.02 23.95
C GLU B 112 19.22 -17.11 24.29
N LEU B 113 20.16 -16.78 25.18
CA LEU B 113 21.00 -17.80 25.83
C LEU B 113 20.61 -17.92 27.30
N TRP B 114 20.01 -19.05 27.63
CA TRP B 114 19.77 -19.45 29.02
C TRP B 114 20.88 -20.41 29.44
N GLU B 115 21.28 -20.33 30.71
CA GLU B 115 22.18 -21.31 31.32
C GLU B 115 21.59 -21.89 32.59
N LEU B 116 22.05 -23.08 32.95
CA LEU B 116 21.75 -23.68 34.25
C LEU B 116 22.66 -23.06 35.30
N ASP B 117 22.20 -23.07 36.55
CA ASP B 117 23.04 -22.64 37.69
C ASP B 117 24.01 -23.76 38.08
N GLU B 118 24.86 -23.51 39.07
CA GLU B 118 25.92 -24.44 39.49
C GLU B 118 25.49 -25.83 39.99
N ASN B 119 24.19 -26.00 40.29
CA ASN B 119 23.62 -27.31 40.70
C ASN B 119 22.38 -27.78 39.88
N GLU B 120 22.18 -27.16 38.71
CA GLU B 120 21.21 -27.63 37.69
C GLU B 120 19.74 -27.76 38.15
N THR B 121 19.32 -26.86 39.03
CA THR B 121 17.93 -26.77 39.49
C THR B 121 17.18 -25.59 38.84
N LEU B 122 17.83 -24.43 38.78
CA LEU B 122 17.31 -23.23 38.12
C LEU B 122 17.75 -23.15 36.66
N ILE B 123 16.99 -22.40 35.86
CA ILE B 123 17.38 -22.03 34.49
C ILE B 123 17.37 -20.49 34.40
N VAL B 124 18.58 -19.91 34.42
CA VAL B 124 18.79 -18.45 34.41
C VAL B 124 19.11 -17.96 32.98
N SER B 125 18.66 -16.76 32.66
CA SER B 125 18.96 -16.11 31.38
C SER B 125 20.34 -15.43 31.42
N LYS B 126 21.21 -15.82 30.49
CA LYS B 126 22.53 -15.18 30.32
C LYS B 126 22.37 -13.90 29.49
N PHE B 127 21.79 -14.03 28.30
CA PHE B 127 21.39 -12.88 27.48
C PHE B 127 20.09 -13.13 26.71
N CYS B 128 19.52 -12.04 26.22
CA CYS B 128 18.35 -12.06 25.34
C CYS B 128 18.42 -10.84 24.42
N LYS B 129 18.96 -11.04 23.22
CA LYS B 129 19.27 -9.93 22.31
C LYS B 129 18.35 -9.83 21.10
N TYR B 130 17.57 -8.74 21.07
CA TYR B 130 16.58 -8.46 20.03
C TYR B 130 17.24 -7.86 18.80
N GLU B 131 17.67 -8.71 17.87
CA GLU B 131 18.38 -8.27 16.65
C GLU B 131 17.71 -8.64 15.31
N HIS B 132 17.03 -9.80 15.25
CA HIS B 132 16.14 -10.11 14.11
C HIS B 132 14.87 -9.26 14.21
N ASP B 133 14.23 -9.01 13.06
CA ASP B 133 13.02 -8.18 12.96
C ASP B 133 11.68 -8.94 12.98
N ASP B 134 11.73 -10.26 12.96
CA ASP B 134 10.53 -11.11 12.93
C ASP B 134 10.82 -12.38 13.75
N ILE B 135 9.83 -13.28 13.86
CA ILE B 135 9.99 -14.55 14.57
C ILE B 135 11.32 -15.21 14.18
N VAL B 136 12.12 -15.54 15.19
CA VAL B 136 13.35 -16.31 14.99
C VAL B 136 12.88 -17.76 14.91
N SER B 137 13.00 -18.36 13.72
CA SER B 137 12.43 -19.67 13.42
C SER B 137 13.38 -20.83 13.69
N THR B 138 14.64 -20.66 13.33
CA THR B 138 15.63 -21.73 13.36
C THR B 138 16.96 -21.27 13.98
N VAL B 139 17.65 -22.19 14.63
CA VAL B 139 18.94 -21.91 15.26
C VAL B 139 19.82 -23.17 15.31
N SER B 140 21.13 -22.97 15.22
CA SER B 140 22.11 -24.06 15.28
C SER B 140 23.49 -23.56 15.74
N VAL B 141 24.15 -24.35 16.59
CA VAL B 141 25.47 -24.00 17.15
C VAL B 141 26.56 -24.55 16.23
N LEU B 142 27.59 -23.74 16.01
CA LEU B 142 28.73 -24.12 15.17
C LEU B 142 29.69 -25.05 15.92
N SER B 143 30.59 -25.68 15.15
CA SER B 143 31.50 -26.74 15.65
C SER B 143 32.34 -26.33 16.86
N SER B 144 32.87 -25.12 16.82
CA SER B 144 33.64 -24.54 17.93
C SER B 144 32.87 -24.55 19.26
N GLY B 145 31.57 -24.24 19.19
CA GLY B 145 30.71 -24.13 20.37
C GLY B 145 30.64 -22.73 20.98
N THR B 146 31.46 -21.80 20.48
CA THR B 146 31.52 -20.41 20.94
C THR B 146 30.71 -19.44 20.08
N GLN B 147 30.24 -19.93 18.93
CA GLN B 147 29.40 -19.16 18.00
C GLN B 147 28.16 -19.97 17.63
N ALA B 148 27.15 -19.28 17.11
CA ALA B 148 25.97 -19.94 16.54
C ALA B 148 25.35 -19.09 15.44
N VAL B 149 24.53 -19.73 14.61
CA VAL B 149 23.80 -19.06 13.52
C VAL B 149 22.29 -19.19 13.76
N SER B 150 21.55 -18.16 13.35
CA SER B 150 20.09 -18.13 13.48
C SER B 150 19.44 -17.73 12.16
N GLY B 151 18.21 -18.18 11.96
CA GLY B 151 17.40 -17.82 10.80
C GLY B 151 16.02 -17.37 11.24
N SER B 152 15.51 -16.31 10.61
CA SER B 152 14.23 -15.71 11.01
C SER B 152 13.30 -15.52 9.81
N LYS B 153 12.06 -15.17 10.12
CA LYS B 153 11.04 -14.83 9.11
C LYS B 153 11.33 -13.47 8.46
N ASP B 154 12.20 -12.67 9.09
CA ASP B 154 12.68 -11.41 8.51
C ASP B 154 13.60 -11.62 7.29
N ILE B 155 13.93 -12.88 7.00
CA ILE B 155 14.68 -13.29 5.80
C ILE B 155 16.20 -13.24 6.03
N CYS B 156 16.63 -12.71 7.18
CA CYS B 156 18.04 -12.52 7.48
C CYS B 156 18.60 -13.73 8.22
N ILE B 157 19.90 -13.99 7.99
CA ILE B 157 20.67 -14.99 8.72
C ILE B 157 21.78 -14.25 9.47
N LYS B 158 22.00 -14.61 10.74
CA LYS B 158 23.02 -13.94 11.57
C LYS B 158 23.91 -14.93 12.32
N VAL B 159 25.22 -14.70 12.25
CA VAL B 159 26.22 -15.45 13.03
C VAL B 159 26.49 -14.68 14.33
N TRP B 160 26.33 -15.39 15.44
CA TRP B 160 26.45 -14.84 16.80
C TRP B 160 27.75 -15.23 17.46
N ASP B 161 28.29 -14.33 18.28
CA ASP B 161 29.39 -14.64 19.21
C ASP B 161 28.77 -14.75 20.60
N LEU B 162 28.85 -15.94 21.19
CA LEU B 162 28.14 -16.26 22.43
C LEU B 162 28.81 -15.73 23.71
N ALA B 163 30.12 -15.48 23.66
CA ALA B 163 30.87 -14.87 24.77
C ALA B 163 30.65 -13.35 24.80
N GLN B 164 30.92 -12.70 23.68
CA GLN B 164 30.74 -11.24 23.54
C GLN B 164 29.27 -10.81 23.47
N GLN B 165 28.35 -11.75 23.21
CA GLN B 165 26.89 -11.52 23.18
C GLN B 165 26.49 -10.50 22.11
N VAL B 166 27.06 -10.67 20.91
CA VAL B 166 26.86 -9.73 19.81
C VAL B 166 26.79 -10.47 18.48
N VAL B 167 26.21 -9.82 17.48
CA VAL B 167 26.20 -10.34 16.12
C VAL B 167 27.48 -9.89 15.42
N LEU B 168 28.26 -10.86 14.94
CA LEU B 168 29.46 -10.59 14.16
C LEU B 168 29.10 -10.20 12.73
N SER B 169 28.28 -11.04 12.11
CA SER B 169 27.92 -10.93 10.70
C SER B 169 26.41 -11.12 10.52
N SER B 170 25.84 -10.38 9.57
CA SER B 170 24.42 -10.48 9.21
C SER B 170 24.30 -10.58 7.69
N TYR B 171 23.68 -11.66 7.22
CA TYR B 171 23.55 -11.95 5.78
C TYR B 171 22.08 -11.98 5.34
N ARG B 172 21.75 -11.14 4.36
CA ARG B 172 20.42 -11.13 3.71
C ARG B 172 20.59 -11.75 2.32
N ALA B 173 20.85 -13.06 2.31
CA ALA B 173 21.05 -13.83 1.09
C ALA B 173 19.73 -14.23 0.45
N HIS B 174 18.84 -14.77 1.30
CA HIS B 174 17.55 -15.28 0.84
C HIS B 174 16.57 -14.18 0.45
N ALA B 175 15.52 -14.58 -0.27
CA ALA B 175 14.44 -13.69 -0.74
C ALA B 175 13.10 -14.00 -0.05
N ALA B 176 13.14 -14.87 0.96
CA ALA B 176 11.94 -15.31 1.68
C ALA B 176 12.33 -15.85 3.06
N GLN B 177 11.34 -16.21 3.86
CA GLN B 177 11.56 -16.66 5.26
C GLN B 177 12.62 -17.75 5.35
N VAL B 178 13.50 -17.64 6.35
CA VAL B 178 14.51 -18.65 6.62
C VAL B 178 13.85 -19.78 7.43
N THR B 179 13.76 -20.96 6.81
CA THR B 179 13.04 -22.10 7.38
C THR B 179 13.92 -22.88 8.36
N CYS B 180 15.10 -23.27 7.91
CA CYS B 180 16.03 -24.08 8.69
C CYS B 180 17.48 -23.64 8.46
N VAL B 181 18.27 -23.63 9.53
CA VAL B 181 19.72 -23.50 9.44
C VAL B 181 20.38 -24.64 10.22
N ALA B 182 21.42 -25.23 9.62
CA ALA B 182 22.14 -26.35 10.22
C ALA B 182 23.65 -26.13 10.07
N ALA B 183 24.31 -25.93 11.20
CA ALA B 183 25.76 -25.79 11.30
C ALA B 183 26.47 -27.02 10.77
N SER B 184 27.62 -26.82 10.12
CA SER B 184 28.50 -27.94 9.79
C SER B 184 29.00 -28.54 11.10
N PRO B 185 28.90 -29.88 11.25
CA PRO B 185 29.32 -30.54 12.50
C PRO B 185 30.79 -30.33 12.87
N HIS B 186 31.65 -30.31 11.85
CA HIS B 186 33.10 -30.27 12.04
C HIS B 186 33.81 -29.01 11.57
N LYS B 187 33.33 -28.40 10.48
CA LYS B 187 33.94 -27.18 9.94
C LYS B 187 33.24 -25.95 10.53
N ASP B 188 33.94 -25.22 11.38
CA ASP B 188 33.37 -24.11 12.17
C ASP B 188 32.83 -22.94 11.32
N SER B 189 33.41 -22.74 10.13
CA SER B 189 33.00 -21.66 9.21
C SER B 189 31.90 -22.04 8.21
N VAL B 190 31.49 -23.31 8.18
CA VAL B 190 30.51 -23.83 7.21
C VAL B 190 29.14 -24.05 7.88
N PHE B 191 28.09 -23.88 7.08
CA PHE B 191 26.73 -24.31 7.46
C PHE B 191 25.78 -24.34 6.26
N LEU B 192 24.63 -24.98 6.47
CA LEU B 192 23.56 -25.01 5.47
C LEU B 192 22.43 -24.07 5.88
N SER B 193 21.67 -23.64 4.89
CA SER B 193 20.41 -22.92 5.11
C SER B 193 19.44 -23.23 3.99
N CYS B 194 18.16 -23.06 4.28
CA CYS B 194 17.10 -23.27 3.30
C CYS B 194 15.93 -22.34 3.60
N SER B 195 15.12 -22.07 2.59
CA SER B 195 14.13 -20.99 2.67
C SER B 195 12.95 -21.17 1.72
N GLU B 196 11.93 -20.35 1.97
CA GLU B 196 10.72 -20.30 1.15
C GLU B 196 10.92 -19.65 -0.24
N ASP B 197 12.13 -19.14 -0.50
CA ASP B 197 12.55 -18.72 -1.85
C ASP B 197 13.05 -19.87 -2.73
N ASN B 198 12.94 -21.11 -2.23
CA ASN B 198 13.33 -22.35 -2.91
C ASN B 198 14.85 -22.65 -2.94
N ARG B 199 15.65 -21.81 -2.29
CA ARG B 199 17.11 -21.95 -2.31
C ARG B 199 17.59 -22.83 -1.16
N ILE B 200 18.63 -23.63 -1.44
CA ILE B 200 19.46 -24.23 -0.39
C ILE B 200 20.86 -23.65 -0.55
N LEU B 201 21.32 -22.93 0.47
CA LEU B 201 22.65 -22.30 0.44
C LEU B 201 23.65 -23.06 1.31
N LEU B 202 24.75 -23.48 0.68
CA LEU B 202 25.89 -24.09 1.38
C LEU B 202 26.86 -22.97 1.68
N TRP B 203 26.97 -22.60 2.95
CA TRP B 203 27.81 -21.47 3.35
C TRP B 203 29.25 -21.89 3.59
N ASP B 204 30.12 -20.88 3.60
CA ASP B 204 31.54 -21.01 3.88
C ASP B 204 32.03 -19.57 4.05
N THR B 205 32.13 -19.13 5.31
CA THR B 205 32.37 -17.71 5.62
C THR B 205 33.82 -17.24 5.37
N ARG B 206 34.68 -18.16 4.93
CA ARG B 206 36.04 -17.83 4.48
C ARG B 206 36.08 -17.16 3.10
N CYS B 207 34.99 -17.25 2.33
CA CYS B 207 34.84 -16.55 1.05
C CYS B 207 34.36 -15.09 1.22
N PRO B 208 34.71 -14.20 0.27
CA PRO B 208 34.04 -12.89 0.19
C PRO B 208 32.58 -12.98 -0.31
N LYS B 209 32.26 -14.06 -1.02
CA LYS B 209 30.87 -14.42 -1.33
C LYS B 209 30.54 -15.80 -0.70
N PRO B 210 30.10 -15.83 0.58
CA PRO B 210 29.95 -17.13 1.27
C PRO B 210 28.88 -18.09 0.74
N ALA B 211 27.68 -17.58 0.45
CA ALA B 211 26.57 -18.46 0.03
C ALA B 211 26.80 -19.09 -1.34
N SER B 212 26.29 -20.31 -1.51
CA SER B 212 26.36 -21.05 -2.77
C SER B 212 25.08 -21.88 -2.92
N GLN B 213 24.46 -21.79 -4.09
CA GLN B 213 23.15 -22.41 -4.35
C GLN B 213 23.30 -23.86 -4.83
N ILE B 214 22.47 -24.75 -4.30
CA ILE B 214 22.55 -26.20 -4.58
C ILE B 214 21.22 -26.73 -5.14
N GLY B 215 21.30 -27.43 -6.27
CA GLY B 215 20.13 -28.06 -6.90
C GLY B 215 19.93 -29.52 -6.48
N CYS B 216 18.65 -29.91 -6.38
CA CYS B 216 18.20 -31.29 -6.10
C CYS B 216 19.23 -32.26 -5.51
N GLY B 220 12.07 -28.25 -8.26
CA GLY B 220 11.67 -29.05 -7.10
C GLY B 220 11.04 -28.24 -5.99
N TYR B 221 10.20 -28.90 -5.18
CA TYR B 221 9.43 -28.25 -4.10
C TYR B 221 10.32 -27.66 -3.00
N LEU B 222 9.72 -26.78 -2.19
CA LEU B 222 10.47 -25.99 -1.21
C LEU B 222 11.15 -26.85 -0.14
N PRO B 223 12.42 -26.55 0.16
CA PRO B 223 13.13 -27.25 1.23
C PRO B 223 12.61 -26.82 2.61
N THR B 224 12.43 -27.79 3.49
CA THR B 224 11.79 -27.59 4.80
C THR B 224 12.62 -28.00 6.02
N SER B 225 13.51 -28.97 5.85
CA SER B 225 14.35 -29.49 6.94
C SER B 225 15.75 -29.80 6.43
N LEU B 226 16.74 -29.75 7.33
CA LEU B 226 18.14 -29.99 6.97
C LEU B 226 18.90 -30.78 8.05
N ALA B 227 19.70 -31.75 7.59
CA ALA B 227 20.54 -32.57 8.46
C ALA B 227 21.82 -32.98 7.73
N TRP B 228 22.97 -32.65 8.33
CA TRP B 228 24.27 -33.14 7.86
C TRP B 228 24.45 -34.62 8.22
N HIS B 229 25.20 -35.35 7.40
CA HIS B 229 25.65 -36.70 7.75
C HIS B 229 26.80 -36.54 8.78
N PRO B 230 26.74 -37.29 9.90
CA PRO B 230 27.76 -37.10 10.96
C PRO B 230 29.18 -37.61 10.63
N GLN B 231 29.27 -38.78 9.99
CA GLN B 231 30.56 -39.35 9.55
C GLN B 231 31.15 -38.70 8.28
N GLN B 232 30.32 -38.53 7.26
CA GLN B 232 30.74 -38.04 5.94
C GLN B 232 30.60 -36.52 5.88
N SER B 233 31.74 -35.83 5.88
CA SER B 233 31.79 -34.36 5.88
C SER B 233 31.13 -33.69 4.67
N GLU B 234 31.17 -34.38 3.52
CA GLU B 234 30.65 -33.85 2.25
C GLU B 234 29.16 -34.12 1.97
N VAL B 235 28.44 -34.73 2.92
CA VAL B 235 27.06 -35.19 2.69
C VAL B 235 26.06 -34.55 3.65
N PHE B 236 24.88 -34.23 3.10
CA PHE B 236 23.71 -33.83 3.88
C PHE B 236 22.45 -34.35 3.21
N VAL B 237 21.34 -34.28 3.96
CA VAL B 237 20.02 -34.65 3.46
C VAL B 237 19.06 -33.48 3.69
N PHE B 238 18.12 -33.28 2.76
CA PHE B 238 17.07 -32.28 2.93
C PHE B 238 15.70 -32.90 2.70
N GLY B 239 14.74 -32.46 3.52
CA GLY B 239 13.34 -32.81 3.34
C GLY B 239 12.59 -31.62 2.78
N ASP B 240 11.67 -31.88 1.86
CA ASP B 240 10.86 -30.80 1.24
C ASP B 240 9.44 -30.76 1.81
N GLU B 241 8.67 -29.76 1.38
CA GLU B 241 7.28 -29.57 1.86
C GLU B 241 6.27 -30.61 1.33
N ASN B 242 6.68 -31.39 0.33
CA ASN B 242 5.85 -32.45 -0.25
C ASN B 242 6.04 -33.84 0.39
N GLY B 243 6.90 -33.93 1.41
CA GLY B 243 7.17 -35.20 2.09
C GLY B 243 8.20 -36.09 1.43
N THR B 244 9.09 -35.50 0.63
CA THR B 244 10.25 -36.20 0.06
C THR B 244 11.47 -35.89 0.90
N VAL B 245 12.29 -36.92 1.14
CA VAL B 245 13.63 -36.76 1.71
C VAL B 245 14.62 -37.18 0.63
N SER B 246 15.69 -36.40 0.46
CA SER B 246 16.65 -36.59 -0.62
C SER B 246 18.10 -36.45 -0.12
N LEU B 247 18.97 -37.32 -0.64
CA LEU B 247 20.39 -37.37 -0.27
C LEU B 247 21.23 -36.53 -1.23
N VAL B 248 22.16 -35.74 -0.68
CA VAL B 248 22.94 -34.77 -1.47
C VAL B 248 24.43 -34.77 -1.09
N ASP B 249 25.29 -34.87 -2.10
CA ASP B 249 26.74 -34.70 -1.99
C ASP B 249 27.06 -33.28 -2.44
N THR B 250 28.00 -32.63 -1.75
CA THR B 250 28.34 -31.21 -2.02
C THR B 250 28.99 -31.03 -3.40
N LYS B 251 29.94 -31.91 -3.72
CA LYS B 251 30.40 -32.10 -5.10
C LYS B 251 29.42 -33.04 -5.80
N SER B 252 29.07 -32.73 -7.05
CA SER B 252 28.06 -33.44 -7.88
C SER B 252 26.66 -32.85 -7.71
N VAL B 256 22.52 -38.74 -6.00
CA VAL B 256 21.28 -38.01 -5.72
C VAL B 256 20.09 -39.00 -5.67
N LEU B 257 20.12 -39.85 -4.65
CA LEU B 257 18.98 -40.73 -4.33
C LEU B 257 17.94 -39.96 -3.52
N SER B 258 16.69 -40.40 -3.58
CA SER B 258 15.58 -39.79 -2.83
C SER B 258 14.37 -40.71 -2.70
N SER B 259 13.61 -40.53 -1.61
CA SER B 259 12.42 -41.34 -1.31
C SER B 259 11.23 -40.48 -0.87
N ALA B 260 10.03 -40.86 -1.33
CA ALA B 260 8.78 -40.28 -0.85
C ALA B 260 8.40 -41.00 0.44
N VAL B 261 8.71 -40.36 1.58
CA VAL B 261 8.58 -40.99 2.90
C VAL B 261 7.22 -40.63 3.50
N HIS B 262 7.00 -39.34 3.69
CA HIS B 262 5.78 -38.82 4.31
C HIS B 262 4.78 -38.30 3.27
N SER B 263 3.54 -38.15 3.71
CA SER B 263 2.46 -37.58 2.89
C SER B 263 2.44 -36.05 2.91
N GLN B 264 3.09 -35.46 3.90
CA GLN B 264 3.13 -34.01 4.10
C GLN B 264 4.54 -33.53 4.47
N CYS B 265 4.69 -32.22 4.68
CA CYS B 265 5.99 -31.55 4.93
C CYS B 265 6.91 -32.28 5.89
N VAL B 266 8.19 -32.37 5.54
CA VAL B 266 9.23 -32.94 6.41
C VAL B 266 9.75 -31.81 7.31
N THR B 267 9.42 -31.89 8.59
CA THR B 267 9.67 -30.81 9.54
C THR B 267 11.06 -30.83 10.15
N GLY B 268 11.58 -32.03 10.38
CA GLY B 268 12.87 -32.23 11.06
C GLY B 268 13.53 -33.50 10.58
N LEU B 269 14.86 -33.52 10.68
CA LEU B 269 15.68 -34.65 10.26
C LEU B 269 16.84 -34.78 11.24
N VAL B 270 16.90 -35.92 11.92
CA VAL B 270 17.95 -36.20 12.91
C VAL B 270 18.52 -37.59 12.66
N PHE B 271 19.80 -37.65 12.30
CA PHE B 271 20.53 -38.92 12.20
C PHE B 271 20.79 -39.49 13.60
N SER B 272 20.88 -40.81 13.67
CA SER B 272 21.14 -41.53 14.92
C SER B 272 22.62 -41.45 15.30
N PRO B 273 22.98 -41.81 16.54
CA PRO B 273 24.39 -41.75 16.96
C PRO B 273 25.19 -43.03 16.68
N HIS B 274 24.62 -43.98 15.92
CA HIS B 274 25.34 -45.18 15.48
C HIS B 274 26.49 -44.83 14.54
N SER B 275 27.48 -45.72 14.46
CA SER B 275 28.59 -45.63 13.51
C SER B 275 28.06 -45.65 12.07
N VAL B 276 27.15 -46.58 11.81
CA VAL B 276 26.32 -46.59 10.60
C VAL B 276 24.95 -46.00 11.00
N PRO B 277 24.76 -44.67 10.83
CA PRO B 277 23.63 -44.02 11.46
C PRO B 277 22.32 -44.13 10.66
N PHE B 278 21.23 -44.36 11.39
CA PHE B 278 19.88 -44.34 10.82
C PHE B 278 19.35 -42.91 10.84
N LEU B 279 18.49 -42.59 9.88
CA LEU B 279 17.91 -41.26 9.74
C LEU B 279 16.45 -41.25 10.20
N ALA B 280 16.16 -40.51 11.27
CA ALA B 280 14.80 -40.27 11.73
C ALA B 280 14.21 -39.07 11.00
N SER B 281 13.03 -39.26 10.39
CA SER B 281 12.33 -38.19 9.66
C SER B 281 10.96 -37.90 10.28
N LEU B 282 10.71 -36.62 10.52
CA LEU B 282 9.46 -36.13 11.11
C LEU B 282 8.54 -35.64 10.01
N SER B 283 7.33 -35.25 10.39
CA SER B 283 6.39 -34.61 9.47
C SER B 283 5.20 -33.93 10.14
N GLU B 284 4.44 -33.22 9.31
CA GLU B 284 3.15 -32.65 9.69
C GLU B 284 1.98 -33.63 9.45
N ASP B 285 2.25 -34.80 8.88
CA ASP B 285 1.25 -35.87 8.81
C ASP B 285 1.09 -36.65 10.14
N CYS B 286 1.79 -36.21 11.19
CA CYS B 286 1.75 -36.81 12.53
C CYS B 286 2.35 -38.22 12.53
N SER B 287 3.34 -38.44 11.66
CA SER B 287 4.02 -39.71 11.55
C SER B 287 5.53 -39.53 11.74
N LEU B 288 6.17 -40.65 12.04
CA LEU B 288 7.62 -40.75 12.19
C LEU B 288 8.07 -41.96 11.40
N ALA B 289 9.17 -41.81 10.67
CA ALA B 289 9.84 -42.93 10.03
C ALA B 289 11.34 -42.86 10.31
N VAL B 290 11.92 -43.98 10.72
CA VAL B 290 13.37 -44.15 10.74
C VAL B 290 13.78 -44.87 9.45
N LEU B 291 14.91 -44.44 8.89
CA LEU B 291 15.38 -44.85 7.57
C LEU B 291 16.85 -45.27 7.61
N ASP B 292 17.27 -46.03 6.61
CA ASP B 292 18.66 -46.52 6.48
C ASP B 292 19.49 -45.60 5.56
N SER B 293 20.67 -46.08 5.14
CA SER B 293 21.54 -45.36 4.20
C SER B 293 20.87 -44.99 2.87
N SER B 294 20.20 -45.98 2.26
CA SER B 294 19.50 -45.82 0.98
C SER B 294 18.05 -45.29 1.06
N LEU B 295 17.65 -44.82 2.24
CA LEU B 295 16.33 -44.19 2.49
C LEU B 295 15.11 -45.11 2.33
N SER B 296 15.30 -46.41 2.54
CA SER B 296 14.19 -47.38 2.62
C SER B 296 13.60 -47.40 4.04
N GLU B 297 12.36 -47.86 4.13
CA GLU B 297 11.54 -47.74 5.35
C GLU B 297 11.68 -48.98 6.26
N LEU B 298 12.10 -48.74 7.50
CA LEU B 298 12.30 -49.79 8.51
C LEU B 298 11.25 -49.71 9.62
N PHE B 299 11.12 -48.52 10.21
CA PHE B 299 10.15 -48.27 11.29
C PHE B 299 9.12 -47.19 10.88
N ARG B 300 7.93 -47.31 11.46
CA ARG B 300 6.82 -46.38 11.24
C ARG B 300 6.07 -46.23 12.57
N SER B 301 5.77 -44.98 12.95
CA SER B 301 5.07 -44.69 14.21
C SER B 301 3.96 -43.66 14.04
N GLN B 302 2.72 -44.10 14.30
CA GLN B 302 1.52 -43.26 14.24
C GLN B 302 0.86 -43.13 15.62
N ALA B 303 1.70 -43.19 16.67
CA ALA B 303 1.28 -42.92 18.04
C ALA B 303 0.99 -41.43 18.25
N HIS B 304 1.67 -40.59 17.47
CA HIS B 304 1.46 -39.13 17.53
C HIS B 304 0.15 -38.71 16.85
N ARG B 305 -0.68 -37.97 17.60
CA ARG B 305 -1.99 -37.50 17.16
C ARG B 305 -2.00 -36.06 16.62
N ASP B 306 -0.90 -35.32 16.81
CA ASP B 306 -0.72 -33.99 16.23
C ASP B 306 0.69 -33.91 15.62
N PHE B 307 1.07 -32.72 15.13
CA PHE B 307 2.35 -32.54 14.44
C PHE B 307 3.56 -32.97 15.27
N VAL B 308 4.43 -33.78 14.67
CA VAL B 308 5.66 -34.26 15.31
C VAL B 308 6.71 -33.17 15.09
N ARG B 309 7.14 -32.53 16.18
CA ARG B 309 7.96 -31.30 16.09
C ARG B 309 9.46 -31.52 16.23
N ASP B 310 9.87 -32.44 17.10
CA ASP B 310 11.29 -32.83 17.21
C ASP B 310 11.45 -34.33 17.45
N ALA B 311 12.63 -34.83 17.11
CA ALA B 311 13.07 -36.17 17.49
C ALA B 311 14.52 -36.11 17.94
N THR B 312 14.88 -37.00 18.86
CA THR B 312 16.21 -36.99 19.48
C THR B 312 16.57 -38.38 19.99
N TRP B 313 17.75 -38.86 19.60
CA TRP B 313 18.21 -40.20 19.94
C TRP B 313 18.90 -40.21 21.30
N SER B 314 18.62 -41.25 22.08
CA SER B 314 19.27 -41.44 23.38
C SER B 314 20.75 -41.80 23.20
N PRO B 315 21.66 -41.09 23.89
CA PRO B 315 23.10 -41.40 23.79
C PRO B 315 23.51 -42.69 24.52
N LEU B 316 22.70 -43.10 25.49
CA LEU B 316 22.95 -44.30 26.30
C LEU B 316 22.50 -45.56 25.58
N ASN B 317 21.26 -45.53 25.08
CA ASN B 317 20.64 -46.65 24.36
C ASN B 317 20.34 -46.22 22.93
N HIS B 318 21.16 -46.69 21.98
CA HIS B 318 21.08 -46.22 20.59
C HIS B 318 19.83 -46.67 19.82
N SER B 319 19.21 -47.78 20.25
CA SER B 319 17.92 -48.21 19.68
C SER B 319 16.71 -47.39 20.16
N LEU B 320 16.86 -46.70 21.30
CA LEU B 320 15.81 -45.84 21.86
C LEU B 320 15.82 -44.46 21.22
N LEU B 321 14.68 -44.08 20.63
CA LEU B 321 14.46 -42.76 20.01
C LEU B 321 13.28 -42.07 20.68
N THR B 322 13.44 -40.79 20.98
CA THR B 322 12.44 -39.98 21.69
C THR B 322 11.89 -38.89 20.77
N THR B 323 10.56 -38.74 20.75
CA THR B 323 9.88 -37.69 19.97
C THR B 323 8.92 -36.85 20.82
N VAL B 324 8.58 -35.69 20.28
CA VAL B 324 7.61 -34.76 20.87
C VAL B 324 6.69 -34.16 19.80
N GLY B 325 5.61 -33.53 20.24
CA GLY B 325 4.63 -32.94 19.32
C GLY B 325 3.57 -32.07 19.97
N TRP B 326 2.71 -31.49 19.13
CA TRP B 326 1.63 -30.59 19.57
C TRP B 326 0.44 -31.27 20.27
N ASP B 327 0.40 -32.60 20.22
CA ASP B 327 -0.53 -33.39 21.05
C ASP B 327 -0.06 -33.52 22.51
N HIS B 328 1.06 -32.88 22.86
CA HIS B 328 1.65 -32.88 24.21
C HIS B 328 2.29 -34.21 24.61
N GLN B 329 2.47 -35.12 23.65
CA GLN B 329 3.01 -36.45 23.94
C GLN B 329 4.53 -36.44 23.85
N VAL B 330 5.17 -37.11 24.80
CA VAL B 330 6.59 -37.44 24.76
C VAL B 330 6.68 -38.96 24.57
N VAL B 331 6.78 -39.40 23.32
CA VAL B 331 6.78 -40.83 22.98
C VAL B 331 8.23 -41.34 22.89
N HIS B 332 8.47 -42.52 23.44
CA HIS B 332 9.78 -43.21 23.36
C HIS B 332 9.65 -44.51 22.58
N HIS B 333 10.28 -44.57 21.42
CA HIS B 333 10.23 -45.75 20.53
C HIS B 333 11.43 -46.64 20.70
N VAL B 334 11.23 -47.94 20.52
CA VAL B 334 12.33 -48.91 20.40
C VAL B 334 12.49 -49.28 18.93
N VAL B 335 13.51 -48.70 18.28
CA VAL B 335 13.78 -48.91 16.85
C VAL B 335 14.44 -50.29 16.71
N PRO B 336 13.96 -51.14 15.77
CA PRO B 336 14.58 -52.44 15.59
C PRO B 336 15.89 -52.34 14.80
N THR B 337 16.98 -52.16 15.53
CA THR B 337 18.32 -52.00 14.94
C THR B 337 18.99 -53.36 14.75
#